data_4XNW
#
_entry.id   4XNW
#
_cell.length_a   40.670
_cell.length_b   64.970
_cell.length_c   77.570
_cell.angle_alpha   101.82
_cell.angle_beta   95.70
_cell.angle_gamma   100.85
#
_symmetry.space_group_name_H-M   'P 1'
#
loop_
_entity.id
_entity.type
_entity.pdbx_description
1 polymer 'P2Y purinoceptor 1,Rubredoxin,P2Y purinoceptor 1'
2 non-polymer '[(1R,2S,4S,5S)-4-[2-iodo-6-(methylamino)-9H-purin-9-yl]-2-(phosphonooxy)bicyclo[3.1.0]hex-1-yl]methyl dihydrogen phosphate'
3 non-polymer 'ZINC ION'
4 water water
#
_entity_poly.entity_id   1
_entity_poly.type   'polypeptide(L)'
_entity_poly.pdbx_seq_one_letter_code
;TEVLWPAVPNGTDAAFLAGPGSSWGNSTVASTAAVSSSFKCALTKTGFQFYYLPAVYILVFIIGFLGNSVAIWMFVFHMK
PWSGISVYMFNLALADFLYVLTLPALIFYYFNKTDWIFGDAMCKLQRFIFHVNLYGSILFLTCISAHRYSGVVYPLKSLG
RLKKKNAICISVLVWLIVVVAISPILFYSGTGVRKNKTITCYDTTSDEYLRSYFIYSMCTTVAMFCVPLVLILGCYGLIV
RALIYKMKKYTCTVCGYIYNPEDGDPDNGVNPGTDFKDIPDDWVCPLCGVGKDQFEEVEEPLRRKSIYLVIIVLTVFAVS
YIPFHVMKTMNLRARLDFQTPAMCAFNDRVYATYQVTRGLASLNSCVNPILYFLAGDTFRRRLSRATRKASRRSEANLQS
KSEDMTLNILPEFKQNGDTSL
;
_entity_poly.pdbx_strand_id   A,C
#
loop_
_chem_comp.id
_chem_comp.type
_chem_comp.name
_chem_comp.formula
2ID non-polymer '[(1R,2S,4S,5S)-4-[2-iodo-6-(methylamino)-9H-purin-9-yl]-2-(phosphonooxy)bicyclo[3.1.0]hex-1-yl]methyl dihydrogen phosphate' 'C13 H18 I N5 O8 P2'
ZN non-polymer 'ZINC ION' 'Zn 2'
#
# COMPACT_ATOMS: atom_id res chain seq x y z
N SER A 37 -3.42 47.81 9.79
CA SER A 37 -3.79 46.50 10.42
C SER A 37 -2.93 45.36 9.88
N SER A 38 -2.60 44.42 10.76
CA SER A 38 -1.75 43.29 10.39
C SER A 38 -2.40 42.37 9.35
N PHE A 39 -2.13 42.62 8.07
CA PHE A 39 -2.80 41.90 6.98
C PHE A 39 -2.48 40.40 6.98
N LYS A 40 -3.55 39.61 6.97
CA LYS A 40 -3.49 38.17 6.92
C LYS A 40 -4.04 37.72 5.56
N CYS A 41 -3.31 36.84 4.87
CA CYS A 41 -3.74 36.34 3.57
C CYS A 41 -5.03 35.54 3.75
N ALA A 42 -5.80 35.39 2.67
CA ALA A 42 -7.00 34.54 2.68
C ALA A 42 -6.61 33.13 2.26
N LEU A 43 -7.10 32.13 3.00
CA LEU A 43 -6.77 30.73 2.75
C LEU A 43 -7.93 29.87 2.17
N THR A 44 -7.57 28.85 1.38
CA THR A 44 -8.50 28.04 0.58
C THR A 44 -8.43 26.55 0.91
N LYS A 45 -9.53 25.98 1.38
CA LYS A 45 -9.58 24.57 1.76
C LYS A 45 -10.26 23.73 0.68
N THR A 46 -9.49 22.88 0.00
CA THR A 46 -9.97 22.12 -1.18
C THR A 46 -10.75 20.84 -0.81
N GLY A 47 -11.23 20.14 -1.84
CA GLY A 47 -11.91 18.87 -1.65
C GLY A 47 -10.99 17.72 -1.28
N PHE A 48 -9.70 17.88 -1.56
CA PHE A 48 -8.67 16.93 -1.14
C PHE A 48 -8.69 16.77 0.37
N GLN A 49 -8.71 17.90 1.08
CA GLN A 49 -8.75 17.91 2.54
C GLN A 49 -10.02 17.32 3.14
N PHE A 50 -11.18 17.75 2.63
CA PHE A 50 -12.48 17.33 3.18
C PHE A 50 -12.92 15.95 2.76
N TYR A 51 -12.57 15.49 1.55
CA TYR A 51 -13.09 14.21 1.03
C TYR A 51 -12.01 13.17 0.71
N TYR A 52 -11.00 13.55 -0.07
CA TYR A 52 -10.01 12.61 -0.68
C TYR A 52 -8.79 12.19 0.19
N LEU A 53 -8.28 13.08 1.01
CA LEU A 53 -7.28 12.72 2.00
C LEU A 53 -7.79 11.75 3.07
N PRO A 54 -9.00 12.00 3.62
CA PRO A 54 -9.51 10.99 4.55
C PRO A 54 -9.70 9.62 3.93
N ALA A 55 -10.06 9.57 2.65
CA ALA A 55 -10.15 8.30 1.93
C ALA A 55 -8.80 7.56 1.86
N VAL A 56 -7.75 8.27 1.53
CA VAL A 56 -6.41 7.70 1.50
C VAL A 56 -6.04 7.20 2.91
N TYR A 57 -6.34 7.98 3.94
CA TYR A 57 -6.04 7.57 5.31
C TYR A 57 -6.77 6.29 5.65
N ILE A 58 -8.03 6.15 5.21
CA ILE A 58 -8.72 4.87 5.43
C ILE A 58 -7.92 3.72 4.82
N LEU A 59 -7.48 3.85 3.58
CA LEU A 59 -6.66 2.79 2.96
C LEU A 59 -5.33 2.53 3.71
N VAL A 60 -4.63 3.59 4.08
CA VAL A 60 -3.42 3.47 4.86
C VAL A 60 -3.80 2.74 6.13
N PHE A 61 -4.87 3.20 6.77
CA PHE A 61 -5.27 2.59 8.05
C PHE A 61 -5.43 1.08 7.93
N ILE A 62 -6.23 0.63 6.95
CA ILE A 62 -6.52 -0.80 6.81
C ILE A 62 -5.25 -1.54 6.48
N ILE A 63 -4.64 -1.22 5.34
CA ILE A 63 -3.43 -1.93 4.90
C ILE A 63 -2.33 -1.86 5.98
N GLY A 64 -2.15 -0.68 6.56
CA GLY A 64 -1.17 -0.47 7.62
C GLY A 64 -1.43 -1.37 8.82
N PHE A 65 -2.71 -1.49 9.22
CA PHE A 65 -3.08 -2.36 10.34
C PHE A 65 -2.70 -3.80 10.05
N LEU A 66 -2.99 -4.26 8.83
CA LEU A 66 -2.72 -5.63 8.44
C LEU A 66 -1.22 -5.88 8.32
N GLY A 67 -0.57 -5.06 7.51
CA GLY A 67 0.86 -5.20 7.28
C GLY A 67 1.65 -5.33 8.58
N ASN A 68 1.43 -4.41 9.50
CA ASN A 68 2.23 -4.36 10.72
C ASN A 68 1.75 -5.29 11.84
N SER A 69 0.46 -5.59 11.89
CA SER A 69 -0.03 -6.62 12.81
C SER A 69 0.67 -7.95 12.52
N VAL A 70 0.68 -8.33 11.25
CA VAL A 70 1.31 -9.57 10.82
C VAL A 70 2.83 -9.53 11.10
N ALA A 71 3.49 -8.47 10.67
CA ALA A 71 4.92 -8.28 10.93
C ALA A 71 5.27 -8.49 12.42
N ILE A 72 4.54 -7.80 13.30
CA ILE A 72 4.74 -7.93 14.76
C ILE A 72 4.58 -9.37 15.21
N TRP A 73 3.57 -10.05 14.68
CA TRP A 73 3.42 -11.49 14.98
C TRP A 73 4.64 -12.29 14.53
N MET A 74 5.19 -11.96 13.37
CA MET A 74 6.30 -12.73 12.83
C MET A 74 7.60 -12.51 13.61
N PHE A 75 7.82 -11.31 14.12
CA PHE A 75 9.02 -11.05 14.93
C PHE A 75 8.87 -11.64 16.29
N VAL A 76 7.91 -11.13 17.05
CA VAL A 76 7.76 -11.46 18.47
C VAL A 76 7.71 -12.96 18.64
N PHE A 77 7.04 -13.66 17.72
CA PHE A 77 6.81 -15.08 17.92
C PHE A 77 7.50 -16.05 16.94
N HIS A 78 8.28 -15.59 15.97
CA HIS A 78 8.93 -16.53 15.04
C HIS A 78 10.34 -16.18 14.56
N MET A 79 10.94 -15.11 15.08
CA MET A 79 12.25 -14.69 14.57
C MET A 79 13.40 -14.96 15.52
N LYS A 80 13.12 -15.09 16.82
CA LYS A 80 14.19 -15.28 17.81
C LYS A 80 14.93 -16.58 17.50
N PRO A 81 16.25 -16.50 17.25
CA PRO A 81 17.24 -15.47 17.57
C PRO A 81 17.14 -14.23 16.69
N TRP A 82 16.84 -13.10 17.31
CA TRP A 82 16.80 -11.80 16.64
C TRP A 82 18.23 -11.29 16.50
N SER A 83 18.62 -10.91 15.29
CA SER A 83 19.82 -10.12 15.12
C SER A 83 19.48 -8.68 15.40
N GLY A 84 20.48 -7.83 15.47
CA GLY A 84 20.25 -6.41 15.73
C GLY A 84 19.26 -5.81 14.74
N ILE A 85 19.22 -6.35 13.52
CA ILE A 85 18.32 -5.84 12.49
C ILE A 85 16.88 -6.07 12.93
N SER A 86 16.58 -7.28 13.37
CA SER A 86 15.23 -7.63 13.80
C SER A 86 14.80 -6.82 15.01
N VAL A 87 15.77 -6.46 15.83
CA VAL A 87 15.49 -5.56 16.95
C VAL A 87 15.02 -4.22 16.39
N TYR A 88 15.85 -3.59 15.57
CA TYR A 88 15.49 -2.32 14.95
C TYR A 88 14.16 -2.42 14.21
N MET A 89 14.04 -3.36 13.29
CA MET A 89 12.79 -3.53 12.49
C MET A 89 11.56 -3.80 13.32
N PHE A 90 11.71 -4.54 14.42
CA PHE A 90 10.58 -4.74 15.31
C PHE A 90 10.12 -3.41 15.84
N ASN A 91 11.08 -2.56 16.22
CA ASN A 91 10.75 -1.24 16.72
C ASN A 91 9.98 -0.41 15.70
N LEU A 92 10.35 -0.52 14.42
CA LEU A 92 9.62 0.18 13.35
C LEU A 92 8.17 -0.33 13.26
N ALA A 93 8.02 -1.65 13.15
CA ALA A 93 6.69 -2.23 13.08
C ALA A 93 5.84 -1.78 14.24
N LEU A 94 6.47 -1.72 15.41
CA LEU A 94 5.80 -1.28 16.63
C LEU A 94 5.32 0.16 16.52
N ALA A 95 6.19 1.06 16.08
CA ALA A 95 5.80 2.49 15.97
C ALA A 95 4.78 2.76 14.86
N ASP A 96 4.90 2.07 13.73
CA ASP A 96 3.95 2.21 12.63
C ASP A 96 2.56 1.72 13.05
N PHE A 97 2.52 0.65 13.83
CA PHE A 97 1.26 0.05 14.28
C PHE A 97 0.51 1.01 15.19
N LEU A 98 1.19 1.48 16.24
CA LEU A 98 0.60 2.42 17.18
C LEU A 98 0.16 3.69 16.48
N TYR A 99 0.94 4.15 15.50
CA TYR A 99 0.57 5.33 14.73
C TYR A 99 -0.75 5.09 13.97
N VAL A 100 -0.82 3.98 13.26
CA VAL A 100 -2.00 3.66 12.45
C VAL A 100 -3.26 3.80 13.30
N LEU A 101 -3.17 3.38 14.56
CA LEU A 101 -4.31 3.46 15.48
C LEU A 101 -4.84 4.88 15.69
N THR A 102 -4.04 5.90 15.36
CA THR A 102 -4.47 7.29 15.46
C THR A 102 -5.12 7.80 14.20
N LEU A 103 -5.20 6.98 13.16
CA LEU A 103 -5.82 7.42 11.93
C LEU A 103 -7.33 7.68 12.01
N PRO A 104 -8.11 6.78 12.66
CA PRO A 104 -9.57 6.98 12.68
C PRO A 104 -10.00 8.41 13.06
N ALA A 105 -9.39 8.93 14.13
CA ALA A 105 -9.67 10.30 14.57
C ALA A 105 -9.30 11.34 13.50
N LEU A 106 -8.17 11.12 12.83
CA LEU A 106 -7.71 12.04 11.80
C LEU A 106 -8.66 11.97 10.61
N ILE A 107 -9.05 10.74 10.27
CA ILE A 107 -10.04 10.52 9.21
C ILE A 107 -11.35 11.22 9.54
N PHE A 108 -11.82 11.03 10.77
CA PHE A 108 -13.02 11.68 11.18
C PHE A 108 -12.89 13.21 11.08
N TYR A 109 -11.74 13.74 11.50
CA TYR A 109 -11.50 15.19 11.51
C TYR A 109 -11.62 15.81 10.12
N TYR A 110 -10.97 15.23 9.14
CA TYR A 110 -11.14 15.73 7.77
C TYR A 110 -12.54 15.53 7.20
N PHE A 111 -13.18 14.40 7.49
CA PHE A 111 -14.57 14.21 7.02
C PHE A 111 -15.48 15.25 7.63
N ASN A 112 -15.16 15.68 8.84
CA ASN A 112 -15.96 16.63 9.58
C ASN A 112 -15.55 18.07 9.24
N LYS A 113 -15.13 18.29 7.99
CA LYS A 113 -14.63 19.59 7.56
C LYS A 113 -13.51 20.16 8.45
N THR A 114 -12.66 19.29 9.00
CA THR A 114 -11.55 19.71 9.87
C THR A 114 -12.04 20.47 11.10
N ASP A 115 -13.11 19.95 11.72
CA ASP A 115 -13.62 20.46 12.98
C ASP A 115 -13.33 19.39 14.02
N TRP A 116 -12.44 19.70 14.98
CA TRP A 116 -11.94 18.69 15.94
C TRP A 116 -12.80 18.69 17.19
N ILE A 117 -13.35 17.53 17.54
CA ILE A 117 -14.34 17.42 18.62
C ILE A 117 -13.88 16.58 19.80
N PHE A 118 -12.66 16.06 19.75
CA PHE A 118 -12.11 15.20 20.82
C PHE A 118 -11.32 15.99 21.87
N GLY A 119 -11.32 17.31 21.77
CA GLY A 119 -10.66 18.15 22.75
C GLY A 119 -9.15 18.34 22.62
N ASP A 120 -8.60 19.08 23.56
CA ASP A 120 -7.23 19.55 23.51
C ASP A 120 -6.24 18.42 23.76
N ALA A 121 -6.49 17.65 24.82
CA ALA A 121 -5.56 16.60 25.20
C ALA A 121 -5.34 15.60 24.07
N MET A 122 -6.42 15.14 23.45
CA MET A 122 -6.33 14.15 22.38
C MET A 122 -5.72 14.77 21.14
N CYS A 123 -5.85 16.08 20.94
CA CYS A 123 -5.21 16.72 19.78
C CYS A 123 -3.70 16.62 19.95
N LYS A 124 -3.20 17.17 21.06
CA LYS A 124 -1.79 17.03 21.43
C LYS A 124 -1.27 15.59 21.28
N LEU A 125 -2.10 14.61 21.60
CA LEU A 125 -1.67 13.21 21.54
C LEU A 125 -1.49 12.76 20.09
N GLN A 126 -2.49 13.08 19.28
CA GLN A 126 -2.48 12.86 17.83
C GLN A 126 -1.19 13.38 17.22
N ARG A 127 -0.85 14.62 17.50
CA ARG A 127 0.31 15.22 16.87
C ARG A 127 1.60 14.63 17.43
N PHE A 128 1.66 14.51 18.75
CA PHE A 128 2.79 13.86 19.41
C PHE A 128 3.09 12.51 18.78
N ILE A 129 2.07 11.65 18.66
CA ILE A 129 2.31 10.27 18.15
C ILE A 129 2.75 10.31 16.70
N PHE A 130 2.20 11.23 15.91
CA PHE A 130 2.67 11.42 14.54
C PHE A 130 4.15 11.73 14.41
N HIS A 131 4.65 12.67 15.21
CA HIS A 131 6.05 13.09 15.03
C HIS A 131 7.01 12.10 15.65
N VAL A 132 6.56 11.41 16.71
CA VAL A 132 7.38 10.37 17.32
C VAL A 132 7.61 9.27 16.30
N ASN A 133 6.52 8.80 15.69
CA ASN A 133 6.58 7.84 14.57
C ASN A 133 7.47 8.32 13.43
N LEU A 134 7.25 9.56 12.99
CA LEU A 134 8.04 10.16 11.94
C LEU A 134 9.53 10.05 12.25
N TYR A 135 9.96 10.61 13.38
CA TYR A 135 11.39 10.71 13.65
C TYR A 135 11.96 9.41 14.18
N GLY A 136 11.12 8.60 14.81
CA GLY A 136 11.55 7.30 15.27
C GLY A 136 11.92 6.48 14.06
N SER A 137 11.03 6.47 13.08
CA SER A 137 11.27 5.76 11.83
C SER A 137 12.59 6.17 11.18
N ILE A 138 12.82 7.46 11.13
CA ILE A 138 14.00 7.98 10.48
C ILE A 138 15.23 7.43 11.20
N LEU A 139 15.23 7.53 12.52
CA LEU A 139 16.41 7.10 13.24
C LEU A 139 16.57 5.61 13.12
N PHE A 140 15.48 4.86 13.25
CA PHE A 140 15.62 3.40 13.15
C PHE A 140 16.14 2.94 11.78
N LEU A 141 15.70 3.61 10.73
CA LEU A 141 16.21 3.34 9.42
C LEU A 141 17.72 3.65 9.35
N THR A 142 18.15 4.70 10.07
CA THR A 142 19.59 5.02 10.20
C THR A 142 20.34 3.88 10.87
N CYS A 143 19.85 3.40 12.01
CA CYS A 143 20.48 2.26 12.65
C CYS A 143 20.52 1.06 11.72
N ILE A 144 19.42 0.79 11.02
CA ILE A 144 19.38 -0.36 10.12
C ILE A 144 20.42 -0.19 9.02
N SER A 145 20.49 0.99 8.45
CA SER A 145 21.52 1.30 7.47
C SER A 145 22.91 1.15 8.07
N ALA A 146 23.14 1.73 9.26
CA ALA A 146 24.47 1.61 9.90
C ALA A 146 24.81 0.15 10.15
N HIS A 147 23.84 -0.59 10.68
CA HIS A 147 24.05 -1.99 10.95
C HIS A 147 24.51 -2.71 9.71
N ARG A 148 23.73 -2.59 8.65
CA ARG A 148 23.99 -3.29 7.40
C ARG A 148 25.34 -2.89 6.80
N TYR A 149 25.67 -1.62 6.91
CA TYR A 149 26.96 -1.13 6.45
C TYR A 149 28.13 -1.84 7.13
N SER A 150 28.13 -1.87 8.46
CA SER A 150 29.24 -2.47 9.19
C SER A 150 29.41 -3.94 8.82
N GLY A 151 28.28 -4.65 8.72
CA GLY A 151 28.25 -6.05 8.31
C GLY A 151 28.72 -6.31 6.90
N VAL A 152 28.51 -5.34 6.01
CA VAL A 152 28.93 -5.47 4.62
C VAL A 152 30.36 -4.98 4.41
N VAL A 153 30.69 -3.80 4.90
CA VAL A 153 32.03 -3.21 4.65
C VAL A 153 33.11 -3.77 5.56
N TYR A 154 32.74 -4.17 6.77
CA TYR A 154 33.71 -4.73 7.72
C TYR A 154 33.26 -6.11 8.23
N PRO A 155 33.11 -7.09 7.33
CA PRO A 155 32.48 -8.39 7.63
C PRO A 155 33.10 -9.13 8.82
N LEU A 156 34.42 -9.25 8.85
CA LEU A 156 35.10 -10.03 9.89
C LEU A 156 35.36 -9.26 11.19
N LYS A 157 35.18 -7.94 11.17
CA LYS A 157 35.74 -7.06 12.19
C LYS A 157 34.74 -6.26 13.05
N SER A 158 33.44 -6.35 12.73
CA SER A 158 32.38 -5.63 13.48
C SER A 158 31.49 -6.53 14.39
N LEU A 159 31.58 -7.85 14.23
CA LEU A 159 30.76 -8.84 14.97
C LEU A 159 30.30 -8.37 16.36
N GLY A 160 31.25 -8.03 17.22
CA GLY A 160 30.95 -7.52 18.56
C GLY A 160 30.00 -6.33 18.57
N ARG A 161 30.24 -5.35 17.71
CA ARG A 161 29.40 -4.15 17.62
C ARG A 161 27.97 -4.44 17.14
N LEU A 162 27.80 -5.51 16.38
CA LEU A 162 26.50 -5.83 15.79
C LEU A 162 25.66 -6.80 16.61
N LYS A 163 26.09 -7.10 17.83
CA LYS A 163 25.34 -8.06 18.62
C LYS A 163 24.03 -7.47 19.13
N LYS A 164 23.10 -8.36 19.45
CA LYS A 164 21.74 -8.01 19.83
C LYS A 164 21.66 -7.08 21.06
N LYS A 165 22.54 -7.26 22.04
CA LYS A 165 22.47 -6.44 23.26
C LYS A 165 22.64 -4.97 22.90
N ASN A 166 23.70 -4.68 22.15
CA ASN A 166 23.92 -3.34 21.61
C ASN A 166 22.69 -2.79 20.86
N ALA A 167 22.00 -3.63 20.09
CA ALA A 167 20.83 -3.19 19.32
C ALA A 167 19.66 -2.79 20.21
N ILE A 168 19.53 -3.47 21.35
CA ILE A 168 18.45 -3.22 22.29
C ILE A 168 18.67 -1.91 23.02
N CYS A 169 19.90 -1.71 23.50
CA CYS A 169 20.32 -0.46 24.13
C CYS A 169 20.19 0.72 23.15
N ILE A 170 20.60 0.54 21.90
CA ILE A 170 20.50 1.62 20.92
C ILE A 170 19.03 1.96 20.69
N SER A 171 18.19 0.93 20.66
CA SER A 171 16.76 1.09 20.44
C SER A 171 16.09 1.82 21.58
N VAL A 172 16.51 1.51 22.81
CA VAL A 172 15.97 2.22 23.96
C VAL A 172 16.33 3.71 23.83
N LEU A 173 17.60 4.01 23.63
CA LEU A 173 18.05 5.39 23.44
C LEU A 173 17.26 6.10 22.36
N VAL A 174 17.09 5.45 21.21
CA VAL A 174 16.41 6.08 20.06
C VAL A 174 15.03 6.58 20.50
N TRP A 175 14.28 5.74 21.20
CA TRP A 175 13.02 6.19 21.83
C TRP A 175 13.23 7.30 22.85
N LEU A 176 14.30 7.26 23.61
CA LEU A 176 14.53 8.32 24.59
C LEU A 176 14.79 9.64 23.90
N ILE A 177 15.62 9.60 22.87
CA ILE A 177 16.01 10.82 22.18
C ILE A 177 14.79 11.41 21.49
N VAL A 178 13.96 10.56 20.89
CA VAL A 178 12.78 11.03 20.15
C VAL A 178 11.72 11.62 21.09
N VAL A 179 11.39 10.91 22.15
CA VAL A 179 10.37 11.37 23.07
C VAL A 179 10.79 12.70 23.67
N VAL A 180 12.03 12.79 24.14
CA VAL A 180 12.56 14.05 24.65
C VAL A 180 12.47 15.14 23.59
N ALA A 181 12.92 14.85 22.38
CA ALA A 181 13.04 15.87 21.35
C ALA A 181 11.68 16.35 20.85
N ILE A 182 10.70 15.44 20.83
CA ILE A 182 9.37 15.72 20.29
C ILE A 182 8.41 16.18 21.38
N SER A 183 8.80 16.05 22.64
CA SER A 183 7.91 16.39 23.75
C SER A 183 7.32 17.82 23.68
N PRO A 184 8.06 18.81 23.13
CA PRO A 184 7.53 20.17 23.10
C PRO A 184 6.27 20.33 22.27
N ILE A 185 6.00 19.37 21.39
CA ILE A 185 4.80 19.36 20.60
C ILE A 185 3.58 19.25 21.49
N LEU A 186 3.72 18.59 22.63
CA LEU A 186 2.63 18.57 23.61
C LEU A 186 2.28 19.98 24.09
N PHE A 187 3.29 20.84 24.20
CA PHE A 187 3.05 22.26 24.48
C PHE A 187 2.47 22.95 23.27
N TYR A 188 3.25 22.94 22.19
CA TYR A 188 2.97 23.80 21.04
C TYR A 188 1.65 23.50 20.36
N SER A 189 1.33 22.21 20.21
CA SER A 189 0.12 21.84 19.49
C SER A 189 -1.06 21.90 20.42
N GLY A 190 -2.24 21.53 19.92
CA GLY A 190 -3.47 21.61 20.69
C GLY A 190 -4.58 22.24 19.89
N THR A 191 -5.65 22.60 20.59
CA THR A 191 -6.95 22.97 20.00
C THR A 191 -7.06 24.49 19.93
N GLY A 192 -7.84 25.00 18.96
CA GLY A 192 -8.12 26.43 18.82
C GLY A 192 -9.45 26.67 18.13
N VAL A 193 -10.09 27.82 18.39
CA VAL A 193 -11.38 28.15 17.74
C VAL A 193 -11.22 29.11 16.55
N ARG A 194 -11.78 28.71 15.41
CA ARG A 194 -11.79 29.53 14.20
C ARG A 194 -12.91 30.57 14.26
N LYS A 195 -12.81 31.57 13.38
CA LYS A 195 -13.84 32.62 13.25
C LYS A 195 -15.19 32.00 12.95
N ASN A 196 -15.24 31.06 12.01
CA ASN A 196 -16.49 30.35 11.70
C ASN A 196 -17.00 29.44 12.85
N LYS A 197 -16.31 29.47 13.99
CA LYS A 197 -16.74 28.78 15.22
C LYS A 197 -16.44 27.27 15.27
N THR A 198 -15.76 26.76 14.24
CA THR A 198 -15.28 25.38 14.25
C THR A 198 -13.91 25.32 14.92
N ILE A 199 -13.50 24.13 15.35
CA ILE A 199 -12.26 23.95 16.12
C ILE A 199 -11.14 23.37 15.26
N THR A 200 -9.97 24.01 15.32
CA THR A 200 -8.78 23.54 14.62
C THR A 200 -7.93 22.71 15.59
N CYS A 201 -7.33 21.62 15.08
CA CYS A 201 -6.31 20.87 15.81
C CYS A 201 -5.00 21.26 15.16
N TYR A 202 -4.23 22.14 15.80
CA TYR A 202 -2.93 22.57 15.27
C TYR A 202 -2.03 21.34 15.16
N ASP A 203 -1.38 21.19 14.00
CA ASP A 203 -0.29 20.23 13.82
C ASP A 203 1.03 20.94 14.22
N THR A 204 1.07 22.27 14.08
CA THR A 204 2.24 23.07 14.47
C THR A 204 1.87 23.85 15.73
N THR A 205 1.43 25.10 15.55
CA THR A 205 1.08 25.94 16.68
C THR A 205 0.42 27.20 16.16
N SER A 206 -0.18 27.97 17.06
CA SER A 206 -0.91 29.19 16.72
C SER A 206 0.06 30.36 16.64
N ASP A 207 -0.37 31.43 16.00
CA ASP A 207 0.49 32.60 15.70
C ASP A 207 1.29 33.08 16.88
N GLU A 208 0.66 33.18 18.05
CA GLU A 208 1.36 33.76 19.17
C GLU A 208 2.69 33.03 19.45
N TYR A 209 2.78 31.72 19.18
CA TYR A 209 4.03 30.98 19.45
C TYR A 209 4.81 30.52 18.21
N LEU A 210 4.41 30.98 17.03
CA LEU A 210 5.06 30.58 15.80
C LEU A 210 6.58 30.79 15.74
N ARG A 211 7.06 31.93 16.23
CA ARG A 211 8.47 32.30 16.07
C ARG A 211 9.39 31.25 16.69
N SER A 212 9.12 30.88 17.94
CA SER A 212 9.95 29.92 18.62
C SER A 212 9.70 28.56 18.01
N TYR A 213 8.46 28.28 17.63
CA TYR A 213 8.18 27.02 17.01
C TYR A 213 9.04 26.86 15.78
N PHE A 214 9.13 27.91 14.96
CA PHE A 214 9.97 27.82 13.77
C PHE A 214 11.37 27.35 14.14
N ILE A 215 11.98 28.02 15.11
CA ILE A 215 13.32 27.67 15.59
C ILE A 215 13.40 26.21 16.04
N TYR A 216 12.39 25.78 16.78
CA TYR A 216 12.31 24.39 17.23
C TYR A 216 12.21 23.39 16.05
N SER A 217 11.30 23.65 15.13
CA SER A 217 11.15 22.83 13.91
C SER A 217 12.40 22.79 13.04
N MET A 218 13.15 23.89 12.99
CA MET A 218 14.47 23.88 12.32
C MET A 218 15.46 22.93 12.98
N CYS A 219 15.48 22.90 14.30
CA CYS A 219 16.44 22.03 15.03
C CYS A 219 16.18 20.56 14.78
N THR A 220 14.91 20.16 14.82
CA THR A 220 14.55 18.76 14.69
C THR A 220 14.71 18.29 13.26
N THR A 221 14.40 19.16 12.31
CA THR A 221 14.57 18.85 10.91
C THR A 221 16.05 18.69 10.57
N VAL A 222 16.89 19.50 11.19
CA VAL A 222 18.32 19.43 10.95
C VAL A 222 18.86 18.20 11.64
N ALA A 223 18.65 18.13 12.95
CA ALA A 223 19.17 17.03 13.77
C ALA A 223 18.51 15.67 13.49
N MET A 224 17.19 15.64 13.33
CA MET A 224 16.49 14.36 13.19
C MET A 224 15.99 14.02 11.79
N PHE A 225 16.33 14.83 10.80
CA PHE A 225 16.07 14.47 9.40
C PHE A 225 17.31 14.67 8.51
N CYS A 226 17.81 15.90 8.43
CA CYS A 226 18.95 16.20 7.54
C CYS A 226 20.22 15.37 7.87
N VAL A 227 20.62 15.38 9.13
CA VAL A 227 21.82 14.66 9.52
C VAL A 227 21.68 13.17 9.15
N PRO A 228 20.64 12.51 9.69
CA PRO A 228 20.37 11.13 9.27
C PRO A 228 20.44 10.90 7.77
N LEU A 229 19.73 11.70 6.98
CA LEU A 229 19.71 11.50 5.54
C LEU A 229 21.14 11.48 5.01
N VAL A 230 21.99 12.33 5.56
CA VAL A 230 23.40 12.41 5.17
C VAL A 230 24.12 11.13 5.60
N LEU A 231 23.95 10.75 6.86
CA LEU A 231 24.49 9.46 7.35
C LEU A 231 24.01 8.29 6.51
N ILE A 232 22.76 8.32 6.08
CA ILE A 232 22.21 7.21 5.31
C ILE A 232 22.83 7.11 3.91
N LEU A 233 22.87 8.24 3.20
CA LEU A 233 23.48 8.25 1.87
C LEU A 233 24.97 7.89 1.98
N GLY A 234 25.61 8.29 3.07
CA GLY A 234 26.99 7.89 3.36
C GLY A 234 27.12 6.39 3.35
N CYS A 235 26.49 5.74 4.32
CA CYS A 235 26.41 4.28 4.38
C CYS A 235 26.10 3.64 3.04
N TYR A 236 25.11 4.18 2.35
CA TYR A 236 24.59 3.51 1.16
C TYR A 236 25.60 3.51 0.03
N GLY A 237 26.34 4.62 -0.12
CA GLY A 237 27.37 4.69 -1.14
C GLY A 237 28.43 3.65 -0.85
N LEU A 238 28.91 3.67 0.38
CA LEU A 238 29.92 2.71 0.83
C LEU A 238 29.44 1.27 0.65
N ILE A 239 28.18 1.01 0.91
CA ILE A 239 27.65 -0.34 0.80
C ILE A 239 27.67 -0.78 -0.64
N VAL A 240 27.07 0.03 -1.50
CA VAL A 240 27.09 -0.23 -2.95
C VAL A 240 28.52 -0.46 -3.45
N ARG A 241 29.44 0.42 -3.06
CA ARG A 241 30.84 0.29 -3.45
C ARG A 241 31.40 -1.08 -3.09
N ALA A 242 31.23 -1.46 -1.83
CA ALA A 242 31.73 -2.75 -1.37
C ALA A 242 31.07 -3.90 -2.09
N LEU A 243 29.81 -3.74 -2.46
CA LEU A 243 29.08 -4.82 -3.13
C LEU A 243 29.51 -5.01 -4.58
N ILE A 244 29.82 -3.90 -5.25
CA ILE A 244 30.25 -3.97 -6.62
C ILE A 244 31.66 -4.53 -6.71
N TYR A 245 32.48 -4.27 -5.70
CA TYR A 245 33.84 -4.81 -5.68
C TYR A 245 33.94 -6.28 -5.31
N LYS A 246 33.18 -6.71 -4.31
CA LYS A 246 33.26 -8.09 -3.82
C LYS A 246 32.95 -9.09 -4.93
N MET A 247 33.97 -9.91 -5.23
CA MET A 247 33.88 -10.95 -6.25
C MET A 247 33.00 -12.11 -5.76
N LYS A 248 32.22 -12.69 -6.67
CA LYS A 248 31.31 -13.75 -6.35
C LYS A 248 32.01 -15.08 -6.10
N LYS A 249 31.52 -15.83 -5.12
CA LYS A 249 31.96 -17.18 -4.87
C LYS A 249 31.17 -18.11 -5.77
N TYR A 250 31.73 -19.28 -6.08
CA TYR A 250 31.06 -20.31 -6.90
C TYR A 250 31.29 -21.67 -6.28
N THR A 251 30.32 -22.58 -6.42
CA THR A 251 30.37 -23.90 -5.77
C THR A 251 30.13 -25.08 -6.72
N CYS A 252 30.90 -26.15 -6.52
CA CYS A 252 30.81 -27.38 -7.33
C CYS A 252 29.50 -28.06 -6.99
N THR A 253 28.60 -28.16 -7.96
CA THR A 253 27.30 -28.85 -7.78
C THR A 253 27.45 -30.36 -7.50
N VAL A 254 28.63 -30.92 -7.78
CA VAL A 254 28.91 -32.35 -7.65
C VAL A 254 29.55 -32.72 -6.31
N CYS A 255 30.39 -31.86 -5.72
CA CYS A 255 31.00 -32.17 -4.40
C CYS A 255 30.96 -31.04 -3.35
N GLY A 256 30.38 -29.89 -3.69
CA GLY A 256 30.15 -28.81 -2.73
C GLY A 256 31.32 -27.85 -2.50
N TYR A 257 32.45 -28.11 -3.15
CA TYR A 257 33.65 -27.34 -2.91
C TYR A 257 33.38 -25.91 -3.33
N ILE A 258 33.58 -24.95 -2.41
CA ILE A 258 33.42 -23.53 -2.71
C ILE A 258 34.74 -23.01 -3.25
N TYR A 259 34.67 -22.24 -4.34
CA TYR A 259 35.82 -21.47 -4.82
C TYR A 259 35.67 -20.05 -4.31
N ASN A 260 36.69 -19.56 -3.63
CA ASN A 260 36.72 -18.20 -3.12
C ASN A 260 37.75 -17.41 -3.91
N PRO A 261 37.31 -16.40 -4.66
CA PRO A 261 38.26 -15.53 -5.35
C PRO A 261 39.40 -15.00 -4.47
N GLU A 262 39.12 -14.67 -3.22
CA GLU A 262 40.14 -14.16 -2.29
C GLU A 262 41.31 -15.12 -2.06
N ASP A 263 41.01 -16.42 -2.00
CA ASP A 263 42.04 -17.45 -1.82
C ASP A 263 42.60 -17.96 -3.15
N GLY A 264 41.77 -17.94 -4.19
CA GLY A 264 42.17 -18.49 -5.48
C GLY A 264 42.31 -19.98 -5.33
N ASP A 265 43.11 -20.60 -6.19
CA ASP A 265 43.44 -22.03 -6.10
C ASP A 265 44.95 -22.22 -6.32
N PRO A 266 45.78 -21.54 -5.49
CA PRO A 266 47.21 -21.34 -5.77
C PRO A 266 47.92 -22.62 -6.18
N ASP A 267 47.70 -23.71 -5.43
CA ASP A 267 48.30 -25.04 -5.73
C ASP A 267 48.05 -25.59 -7.13
N ASN A 268 47.00 -25.11 -7.79
CA ASN A 268 46.78 -25.40 -9.21
C ASN A 268 46.84 -24.14 -10.07
N GLY A 269 47.71 -23.22 -9.70
CA GLY A 269 48.00 -22.08 -10.56
C GLY A 269 46.84 -21.12 -10.83
N VAL A 270 45.99 -20.91 -9.83
CA VAL A 270 45.06 -19.78 -9.83
C VAL A 270 45.35 -18.87 -8.64
N ASN A 271 45.89 -17.69 -8.92
CA ASN A 271 46.34 -16.78 -7.89
C ASN A 271 45.20 -16.23 -7.03
N PRO A 272 45.48 -15.97 -5.75
CA PRO A 272 44.53 -15.27 -4.91
C PRO A 272 44.05 -13.98 -5.59
N GLY A 273 42.73 -13.86 -5.77
CA GLY A 273 42.11 -12.68 -6.35
C GLY A 273 41.73 -12.85 -7.82
N THR A 274 41.61 -14.07 -8.30
CA THR A 274 41.14 -14.28 -9.66
C THR A 274 39.64 -14.57 -9.62
N ASP A 275 38.91 -13.91 -10.49
CA ASP A 275 37.48 -14.09 -10.64
C ASP A 275 37.20 -15.41 -11.35
N PHE A 276 36.09 -16.07 -11.02
CA PHE A 276 35.78 -17.39 -11.56
C PHE A 276 35.63 -17.38 -13.08
N LYS A 277 35.11 -16.31 -13.64
CA LYS A 277 35.01 -16.18 -15.11
C LYS A 277 36.38 -16.05 -15.80
N ASP A 278 37.40 -15.62 -15.06
CA ASP A 278 38.77 -15.48 -15.58
C ASP A 278 39.60 -16.76 -15.55
N ILE A 279 39.05 -17.81 -14.97
CA ILE A 279 39.74 -19.10 -14.87
C ILE A 279 39.55 -19.79 -16.20
N PRO A 280 40.65 -20.10 -16.91
CA PRO A 280 40.60 -20.83 -18.17
C PRO A 280 39.69 -22.05 -18.11
N ASP A 281 39.04 -22.38 -19.22
CA ASP A 281 38.04 -23.46 -19.27
C ASP A 281 38.56 -24.82 -18.79
N ASP A 282 39.86 -25.08 -18.98
CA ASP A 282 40.47 -26.41 -18.71
C ASP A 282 40.60 -26.75 -17.24
N TRP A 283 40.44 -25.76 -16.37
CA TRP A 283 40.40 -25.97 -14.92
C TRP A 283 39.28 -26.93 -14.51
N VAL A 284 39.52 -27.63 -13.42
CA VAL A 284 38.55 -28.52 -12.85
C VAL A 284 38.42 -28.32 -11.34
N CYS A 285 37.31 -28.79 -10.78
CA CYS A 285 37.12 -28.85 -9.34
C CYS A 285 38.34 -29.53 -8.74
N PRO A 286 38.97 -28.92 -7.73
CA PRO A 286 40.18 -29.57 -7.17
C PRO A 286 39.88 -30.73 -6.22
N LEU A 287 38.61 -30.94 -5.92
CA LEU A 287 38.21 -31.98 -4.96
C LEU A 287 37.76 -33.24 -5.69
N CYS A 288 37.10 -33.09 -6.84
CA CYS A 288 36.58 -34.25 -7.58
C CYS A 288 36.88 -34.25 -9.07
N GLY A 289 37.40 -33.16 -9.63
CA GLY A 289 37.85 -33.15 -11.03
C GLY A 289 36.83 -32.78 -12.12
N VAL A 290 35.57 -32.50 -11.78
CA VAL A 290 34.59 -32.08 -12.80
C VAL A 290 34.89 -30.69 -13.37
N GLY A 291 34.30 -30.35 -14.49
CA GLY A 291 34.63 -29.11 -15.19
C GLY A 291 33.98 -27.87 -14.59
N LYS A 292 34.38 -26.71 -15.09
CA LYS A 292 33.79 -25.42 -14.70
C LYS A 292 32.28 -25.33 -14.92
N ASP A 293 31.81 -25.84 -16.05
CA ASP A 293 30.37 -25.84 -16.38
C ASP A 293 29.50 -26.42 -15.26
N GLN A 294 30.08 -27.32 -14.46
CA GLN A 294 29.38 -27.95 -13.34
C GLN A 294 29.33 -27.10 -12.08
N PHE A 295 29.79 -25.86 -12.18
CA PHE A 295 29.80 -24.93 -11.05
C PHE A 295 28.64 -23.96 -11.18
N GLU A 296 28.22 -23.42 -10.02
CA GLU A 296 27.12 -22.49 -9.94
C GLU A 296 27.43 -21.34 -8.97
N GLU A 297 26.80 -20.20 -9.21
CA GLU A 297 26.97 -19.00 -8.40
C GLU A 297 26.51 -19.20 -6.95
N VAL A 298 27.29 -18.76 -5.98
CA VAL A 298 26.84 -18.84 -4.59
C VAL A 298 25.92 -17.67 -4.34
N GLU A 299 24.71 -17.96 -3.86
CA GLU A 299 23.72 -16.92 -3.63
C GLU A 299 24.01 -16.28 -2.27
N GLU A 300 24.37 -14.99 -2.34
CA GLU A 300 24.80 -14.17 -1.20
C GLU A 300 23.62 -13.36 -0.63
N PRO A 301 22.97 -13.88 0.39
CA PRO A 301 21.75 -13.25 0.91
C PRO A 301 21.94 -11.78 1.34
N LEU A 302 23.10 -11.48 1.91
CA LEU A 302 23.40 -10.13 2.42
C LEU A 302 23.46 -9.07 1.33
N ARG A 303 23.91 -9.42 0.13
CA ARG A 303 23.95 -8.44 -0.95
C ARG A 303 22.52 -8.06 -1.35
N ARG A 304 21.65 -9.04 -1.43
CA ARG A 304 20.29 -8.83 -1.93
C ARG A 304 19.55 -7.89 -0.98
N LYS A 305 19.49 -8.27 0.29
CA LYS A 305 18.89 -7.45 1.34
C LYS A 305 19.43 -6.02 1.40
N SER A 306 20.75 -5.85 1.30
CA SER A 306 21.32 -4.50 1.27
C SER A 306 20.80 -3.65 0.10
N ILE A 307 20.64 -4.24 -1.08
CA ILE A 307 20.16 -3.50 -2.27
C ILE A 307 18.68 -3.22 -2.12
N TYR A 308 17.94 -4.19 -1.59
CA TYR A 308 16.53 -3.96 -1.32
C TYR A 308 16.37 -2.84 -0.28
N LEU A 309 17.23 -2.81 0.73
CA LEU A 309 17.25 -1.70 1.70
C LEU A 309 17.44 -0.37 0.99
N VAL A 310 18.55 -0.23 0.27
CA VAL A 310 18.84 1.02 -0.45
C VAL A 310 17.62 1.50 -1.25
N ILE A 311 17.15 0.66 -2.16
CA ILE A 311 16.04 1.02 -3.06
C ILE A 311 14.82 1.48 -2.30
N ILE A 312 14.40 0.70 -1.29
CA ILE A 312 13.17 1.01 -0.57
C ILE A 312 13.32 2.27 0.23
N VAL A 313 14.41 2.40 0.96
CA VAL A 313 14.56 3.54 1.86
C VAL A 313 14.75 4.83 1.09
N LEU A 314 15.51 4.83 0.00
CA LEU A 314 15.61 6.05 -0.83
C LEU A 314 14.26 6.42 -1.43
N THR A 315 13.49 5.43 -1.87
CA THR A 315 12.14 5.70 -2.37
C THR A 315 11.26 6.36 -1.30
N VAL A 316 11.19 5.71 -0.14
CA VAL A 316 10.46 6.26 1.02
C VAL A 316 10.87 7.70 1.35
N PHE A 317 12.16 8.01 1.34
CA PHE A 317 12.60 9.36 1.66
C PHE A 317 12.16 10.34 0.58
N ALA A 318 12.28 9.95 -0.68
CA ALA A 318 11.86 10.83 -1.79
C ALA A 318 10.34 11.10 -1.87
N VAL A 319 9.51 10.13 -1.47
CA VAL A 319 8.06 10.28 -1.57
C VAL A 319 7.44 10.80 -0.27
N SER A 320 7.94 10.34 0.87
CA SER A 320 7.29 10.61 2.17
C SER A 320 8.02 11.59 3.11
N TYR A 321 9.35 11.53 3.20
CA TYR A 321 10.07 12.36 4.19
C TYR A 321 10.61 13.68 3.66
N ILE A 322 11.22 13.66 2.48
CA ILE A 322 11.78 14.87 1.90
C ILE A 322 10.69 15.89 1.57
N PRO A 323 9.71 15.52 0.72
CA PRO A 323 8.68 16.51 0.35
C PRO A 323 7.97 17.10 1.56
N PHE A 324 7.75 16.29 2.59
CA PHE A 324 7.10 16.79 3.80
C PHE A 324 7.96 17.82 4.48
N HIS A 325 9.27 17.56 4.61
CA HIS A 325 10.16 18.50 5.33
C HIS A 325 10.42 19.77 4.56
N VAL A 326 10.53 19.68 3.24
CA VAL A 326 10.61 20.90 2.43
C VAL A 326 9.36 21.72 2.74
N MET A 327 8.20 21.12 2.54
CA MET A 327 6.92 21.87 2.56
C MET A 327 6.47 22.34 3.92
N LYS A 328 6.79 21.60 4.97
CA LYS A 328 6.56 22.07 6.34
C LYS A 328 7.23 23.42 6.55
N THR A 329 8.50 23.52 6.16
CA THR A 329 9.30 24.72 6.34
C THR A 329 8.81 25.89 5.49
N MET A 330 8.65 25.68 4.20
CA MET A 330 8.07 26.72 3.34
C MET A 330 6.74 27.25 3.85
N ASN A 331 5.90 26.36 4.36
CA ASN A 331 4.58 26.77 4.81
C ASN A 331 4.63 27.58 6.11
N LEU A 332 5.56 27.26 6.98
CA LEU A 332 5.80 28.10 8.17
C LEU A 332 6.30 29.47 7.74
N ARG A 333 7.33 29.49 6.90
CA ARG A 333 7.83 30.73 6.32
C ARG A 333 6.69 31.59 5.78
N ALA A 334 5.96 31.07 4.80
CA ALA A 334 4.77 31.76 4.29
C ALA A 334 3.95 32.42 5.42
N ARG A 335 3.61 31.65 6.45
CA ARG A 335 2.85 32.18 7.60
C ARG A 335 3.49 33.34 8.33
N LEU A 336 4.81 33.43 8.26
CA LEU A 336 5.56 34.41 9.06
C LEU A 336 5.99 35.56 8.19
N ASP A 337 6.84 35.26 7.22
CA ASP A 337 7.57 36.27 6.50
C ASP A 337 6.92 36.72 5.19
N PHE A 338 6.07 35.89 4.59
CA PHE A 338 5.52 36.18 3.26
C PHE A 338 4.04 36.55 3.33
N GLN A 339 3.67 37.34 4.32
CA GLN A 339 2.27 37.64 4.59
C GLN A 339 1.83 39.01 4.04
N THR A 340 1.84 39.13 2.72
CA THR A 340 1.44 40.36 1.99
C THR A 340 0.49 40.01 0.82
N PRO A 341 -0.37 40.95 0.39
CA PRO A 341 -1.35 40.61 -0.65
C PRO A 341 -0.77 40.02 -1.94
N ALA A 342 0.43 40.43 -2.33
CA ALA A 342 1.06 39.93 -3.55
C ALA A 342 1.31 38.42 -3.50
N MET A 343 1.65 37.90 -2.32
CA MET A 343 2.05 36.51 -2.17
C MET A 343 0.88 35.54 -2.04
N CYS A 344 -0.24 35.99 -1.47
CA CYS A 344 -1.35 35.09 -1.07
C CYS A 344 -1.69 33.95 -2.04
N ALA A 345 -1.69 34.24 -3.34
CA ALA A 345 -1.92 33.21 -4.36
C ALA A 345 -0.89 32.11 -4.23
N PHE A 346 0.38 32.50 -4.22
CA PHE A 346 1.49 31.54 -4.08
C PHE A 346 1.34 30.78 -2.76
N ASN A 347 1.00 31.52 -1.72
CA ASN A 347 0.87 30.97 -0.42
C ASN A 347 -0.15 29.85 -0.33
N ASP A 348 -1.33 30.00 -0.89
CA ASP A 348 -2.22 28.86 -0.71
C ASP A 348 -1.88 27.68 -1.63
N ARG A 349 -1.12 27.88 -2.69
CA ARG A 349 -0.51 26.74 -3.38
C ARG A 349 0.48 26.02 -2.45
N VAL A 350 1.30 26.78 -1.72
CA VAL A 350 2.19 26.19 -0.72
C VAL A 350 1.36 25.38 0.31
N TYR A 351 0.43 26.06 0.97
CA TYR A 351 -0.50 25.40 1.87
C TYR A 351 -1.10 24.14 1.23
N ALA A 352 -1.55 24.25 -0.02
CA ALA A 352 -2.16 23.11 -0.71
C ALA A 352 -1.16 21.98 -0.84
N THR A 353 0.07 22.30 -1.22
CA THR A 353 1.09 21.26 -1.45
C THR A 353 1.43 20.62 -0.09
N TYR A 354 1.66 21.46 0.91
CA TYR A 354 1.83 21.04 2.28
C TYR A 354 0.80 19.97 2.66
N GLN A 355 -0.46 20.15 2.30
CA GLN A 355 -1.50 19.17 2.68
C GLN A 355 -1.25 17.80 2.07
N VAL A 356 -0.85 17.78 0.79
CA VAL A 356 -0.55 16.53 0.10
C VAL A 356 0.70 15.89 0.69
N THR A 357 1.73 16.68 0.94
CA THR A 357 3.00 16.14 1.51
C THR A 357 2.87 15.68 2.94
N ARG A 358 1.94 16.27 3.67
CA ARG A 358 1.59 15.78 4.99
C ARG A 358 0.84 14.45 4.89
N GLY A 359 0.00 14.30 3.87
CA GLY A 359 -0.65 13.01 3.56
C GLY A 359 0.33 11.96 3.08
N LEU A 360 1.26 12.36 2.22
CA LEU A 360 2.30 11.42 1.76
C LEU A 360 3.20 10.90 2.90
N ALA A 361 3.35 11.68 3.97
CA ALA A 361 4.14 11.26 5.12
C ALA A 361 3.61 9.96 5.75
N SER A 362 2.31 9.69 5.65
CA SER A 362 1.70 8.50 6.24
C SER A 362 1.90 7.19 5.48
N LEU A 363 2.46 7.26 4.29
CA LEU A 363 2.58 6.07 3.45
C LEU A 363 3.66 5.10 3.92
N ASN A 364 4.64 5.59 4.68
CA ASN A 364 5.66 4.68 5.26
C ASN A 364 5.02 3.55 6.07
N SER A 365 3.87 3.81 6.70
CA SER A 365 3.26 2.81 7.59
C SER A 365 2.64 1.60 6.89
N CYS A 366 2.43 1.68 5.57
CA CYS A 366 1.99 0.49 4.81
C CYS A 366 2.97 0.09 3.70
N VAL A 367 4.13 0.73 3.68
CA VAL A 367 5.22 0.35 2.78
C VAL A 367 6.34 -0.32 3.58
N ASN A 368 6.53 0.08 4.83
CA ASN A 368 7.61 -0.48 5.62
C ASN A 368 7.54 -2.01 5.74
N PRO A 369 6.34 -2.57 5.92
CA PRO A 369 6.15 -4.02 5.92
C PRO A 369 6.90 -4.81 4.83
N ILE A 370 6.99 -4.28 3.62
CA ILE A 370 7.75 -4.92 2.55
C ILE A 370 9.26 -4.92 2.93
N LEU A 371 9.71 -3.88 3.61
CA LEU A 371 11.07 -3.85 4.15
C LEU A 371 11.35 -5.07 5.04
N TYR A 372 10.46 -5.33 5.99
CA TYR A 372 10.69 -6.39 6.97
C TYR A 372 10.92 -7.74 6.24
N PHE A 373 10.27 -7.94 5.10
CA PHE A 373 10.46 -9.15 4.29
C PHE A 373 11.71 -9.10 3.47
N LEU A 374 11.81 -8.09 2.64
CA LEU A 374 12.80 -8.07 1.59
C LEU A 374 14.20 -7.62 2.06
N ALA A 375 14.26 -6.82 3.10
CA ALA A 375 15.53 -6.31 3.61
C ALA A 375 15.95 -6.85 5.00
N GLY A 376 15.03 -7.51 5.70
CA GLY A 376 15.30 -8.01 7.05
C GLY A 376 15.88 -9.41 7.01
N ASP A 377 16.29 -9.93 8.17
CA ASP A 377 16.83 -11.29 8.25
C ASP A 377 15.88 -12.33 7.67
N THR A 378 16.43 -13.43 7.14
CA THR A 378 15.59 -14.51 6.55
C THR A 378 14.99 -15.40 7.65
N PHE A 379 13.76 -15.88 7.44
CA PHE A 379 13.04 -16.62 8.49
C PHE A 379 13.92 -17.49 9.39
N ARG A 380 14.43 -18.59 8.85
CA ARG A 380 15.28 -19.51 9.61
C ARG A 380 16.72 -19.49 9.09
N ARG A 381 16.90 -19.80 7.80
CA ARG A 381 18.23 -19.94 7.17
C ARG A 381 19.03 -21.13 7.75
N ARG A 382 18.30 -22.20 8.12
CA ARG A 382 18.87 -23.35 8.82
C ARG A 382 17.94 -24.55 8.80
N SER B 37 12.22 -34.05 -21.08
CA SER B 37 13.32 -33.55 -20.19
C SER B 37 13.27 -34.21 -18.81
N SER B 38 14.46 -34.51 -18.27
CA SER B 38 14.62 -35.21 -17.00
C SER B 38 14.52 -34.26 -15.80
N PHE B 39 15.43 -33.30 -15.78
CA PHE B 39 15.80 -32.61 -14.54
C PHE B 39 14.71 -31.72 -13.96
N LYS B 40 14.39 -31.97 -12.68
CA LYS B 40 13.53 -31.10 -11.85
C LYS B 40 14.42 -30.32 -10.91
N CYS B 41 14.16 -29.03 -10.79
CA CYS B 41 14.84 -28.22 -9.78
C CYS B 41 14.45 -28.71 -8.40
N ALA B 42 15.29 -28.40 -7.41
CA ALA B 42 14.94 -28.64 -6.02
C ALA B 42 14.33 -27.36 -5.50
N LEU B 43 13.14 -27.47 -4.93
CA LEU B 43 12.41 -26.29 -4.52
C LEU B 43 12.77 -26.01 -3.09
N THR B 44 13.57 -24.96 -2.85
CA THR B 44 14.04 -24.69 -1.49
C THR B 44 12.99 -23.83 -0.80
N LYS B 45 12.28 -24.44 0.14
CA LYS B 45 11.15 -23.79 0.81
C LYS B 45 11.61 -23.20 2.14
N THR B 46 11.50 -21.88 2.29
CA THR B 46 11.92 -21.20 3.51
C THR B 46 10.99 -21.62 4.66
N GLY B 47 9.69 -21.55 4.43
CA GLY B 47 8.70 -21.92 5.45
C GLY B 47 8.02 -20.77 6.15
N PHE B 48 8.54 -19.56 5.97
CA PHE B 48 7.85 -18.36 6.47
C PHE B 48 6.36 -18.42 6.09
N GLN B 49 6.06 -19.02 4.94
CA GLN B 49 4.68 -19.16 4.46
C GLN B 49 3.80 -19.88 5.49
N PHE B 50 4.38 -20.85 6.20
CA PHE B 50 3.61 -21.56 7.23
C PHE B 50 3.24 -20.68 8.44
N TYR B 51 3.92 -19.54 8.57
CA TYR B 51 3.66 -18.58 9.66
C TYR B 51 3.03 -17.28 9.18
N TYR B 52 3.54 -16.75 8.09
CA TYR B 52 3.07 -15.50 7.54
C TYR B 52 1.63 -15.55 7.05
N LEU B 53 1.33 -16.56 6.23
CA LEU B 53 0.03 -16.67 5.58
C LEU B 53 -1.14 -16.94 6.52
N PRO B 54 -0.97 -17.86 7.48
CA PRO B 54 -2.14 -18.07 8.32
C PRO B 54 -2.51 -16.82 9.14
N ALA B 55 -1.51 -16.04 9.56
CA ALA B 55 -1.78 -14.79 10.24
C ALA B 55 -2.57 -13.80 9.37
N VAL B 56 -2.14 -13.63 8.11
CA VAL B 56 -2.81 -12.75 7.15
C VAL B 56 -4.23 -13.23 7.00
N TYR B 57 -4.38 -14.54 6.81
CA TYR B 57 -5.70 -15.08 6.58
C TYR B 57 -6.59 -14.95 7.78
N ILE B 58 -6.07 -15.18 8.97
CA ILE B 58 -6.90 -14.96 10.16
C ILE B 58 -7.39 -13.50 10.22
N LEU B 59 -6.50 -12.53 10.04
CA LEU B 59 -6.91 -11.11 10.07
C LEU B 59 -7.92 -10.79 8.98
N VAL B 60 -7.63 -11.27 7.78
CA VAL B 60 -8.54 -11.09 6.66
C VAL B 60 -9.85 -11.72 7.05
N PHE B 61 -9.80 -12.95 7.55
CA PHE B 61 -11.03 -13.65 7.90
C PHE B 61 -11.89 -12.81 8.83
N ILE B 62 -11.30 -12.31 9.93
CA ILE B 62 -12.07 -11.60 10.93
C ILE B 62 -12.59 -10.32 10.34
N ILE B 63 -11.69 -9.43 9.95
CA ILE B 63 -12.11 -8.12 9.40
C ILE B 63 -13.05 -8.30 8.21
N GLY B 64 -12.71 -9.24 7.32
CA GLY B 64 -13.56 -9.57 6.17
C GLY B 64 -14.95 -10.02 6.54
N PHE B 65 -15.06 -10.86 7.56
CA PHE B 65 -16.35 -11.31 8.09
C PHE B 65 -17.15 -10.12 8.56
N LEU B 66 -16.51 -9.22 9.31
CA LEU B 66 -17.19 -8.07 9.86
C LEU B 66 -17.59 -7.09 8.76
N GLY B 67 -16.60 -6.68 7.97
CA GLY B 67 -16.82 -5.68 6.92
C GLY B 67 -17.99 -6.02 6.05
N ASN B 68 -18.03 -7.25 5.56
CA ASN B 68 -19.05 -7.66 4.62
C ASN B 68 -20.35 -8.14 5.25
N SER B 69 -20.31 -8.72 6.46
CA SER B 69 -21.55 -9.01 7.19
C SER B 69 -22.36 -7.73 7.40
N VAL B 70 -21.70 -6.69 7.90
CA VAL B 70 -22.33 -5.42 8.12
C VAL B 70 -22.84 -4.83 6.80
N ALA B 71 -21.99 -4.78 5.79
CA ALA B 71 -22.38 -4.28 4.47
C ALA B 71 -23.67 -4.96 3.97
N ILE B 72 -23.68 -6.30 3.98
CA ILE B 72 -24.85 -7.08 3.56
C ILE B 72 -26.08 -6.69 4.38
N TRP B 73 -25.90 -6.52 5.69
CA TRP B 73 -26.97 -6.06 6.54
C TRP B 73 -27.47 -4.68 6.13
N MET B 74 -26.57 -3.78 5.75
CA MET B 74 -26.96 -2.42 5.38
C MET B 74 -27.71 -2.38 4.06
N PHE B 75 -27.32 -3.22 3.09
CA PHE B 75 -28.00 -3.19 1.81
C PHE B 75 -29.48 -3.58 1.99
N VAL B 76 -29.75 -4.57 2.82
CA VAL B 76 -31.12 -5.07 3.07
C VAL B 76 -31.99 -4.15 3.95
N PHE B 77 -31.53 -3.91 5.17
CA PHE B 77 -32.30 -3.21 6.20
C PHE B 77 -32.08 -1.71 6.26
N HIS B 78 -31.32 -1.15 5.32
CA HIS B 78 -31.11 0.30 5.29
C HIS B 78 -30.95 0.96 3.91
N MET B 79 -31.27 0.24 2.84
CA MET B 79 -31.21 0.79 1.51
C MET B 79 -32.51 0.50 0.76
N LYS B 80 -33.31 1.53 0.51
CA LYS B 80 -34.53 1.44 -0.28
C LYS B 80 -34.64 2.76 -0.97
N PRO B 81 -34.55 2.80 -2.33
CA PRO B 81 -34.34 1.72 -3.29
C PRO B 81 -32.89 1.53 -3.76
N TRP B 82 -32.62 0.39 -4.38
CA TRP B 82 -31.31 0.10 -4.91
C TRP B 82 -31.19 0.65 -6.31
N SER B 83 -30.15 1.44 -6.58
CA SER B 83 -29.77 1.73 -7.98
C SER B 83 -28.94 0.57 -8.46
N GLY B 84 -28.61 0.58 -9.75
CA GLY B 84 -27.76 -0.47 -10.33
C GLY B 84 -26.47 -0.65 -9.57
N ILE B 85 -25.96 0.44 -9.00
CA ILE B 85 -24.68 0.37 -8.30
C ILE B 85 -24.82 -0.54 -7.06
N SER B 86 -25.87 -0.32 -6.26
CA SER B 86 -26.11 -1.13 -5.07
C SER B 86 -26.32 -2.58 -5.43
N VAL B 87 -26.87 -2.82 -6.61
CA VAL B 87 -27.02 -4.17 -7.09
C VAL B 87 -25.64 -4.77 -7.24
N TYR B 88 -24.82 -4.15 -8.08
CA TYR B 88 -23.45 -4.64 -8.31
C TYR B 88 -22.72 -4.78 -7.00
N MET B 89 -22.65 -3.72 -6.21
CA MET B 89 -21.96 -3.77 -4.90
C MET B 89 -22.48 -4.84 -3.94
N PHE B 90 -23.78 -5.08 -3.92
CA PHE B 90 -24.33 -6.12 -3.08
C PHE B 90 -23.76 -7.45 -3.51
N ASN B 91 -23.67 -7.66 -4.83
CA ASN B 91 -23.05 -8.89 -5.35
C ASN B 91 -21.61 -9.06 -4.92
N LEU B 92 -20.84 -7.97 -4.90
CA LEU B 92 -19.46 -8.02 -4.36
C LEU B 92 -19.45 -8.42 -2.89
N ALA B 93 -20.21 -7.71 -2.07
CA ALA B 93 -20.27 -8.03 -0.65
C ALA B 93 -20.62 -9.51 -0.44
N LEU B 94 -21.55 -9.99 -1.26
CA LEU B 94 -21.99 -11.37 -1.23
C LEU B 94 -20.82 -12.33 -1.54
N ALA B 95 -20.07 -12.06 -2.61
CA ALA B 95 -19.00 -12.97 -3.02
C ALA B 95 -17.83 -12.92 -2.05
N ASP B 96 -17.53 -11.74 -1.52
CA ASP B 96 -16.44 -11.59 -0.56
C ASP B 96 -16.75 -12.32 0.75
N PHE B 97 -18.03 -12.29 1.14
CA PHE B 97 -18.49 -12.93 2.37
C PHE B 97 -18.35 -14.45 2.27
N LEU B 98 -18.91 -15.02 1.21
CA LEU B 98 -18.82 -16.47 0.99
C LEU B 98 -17.38 -16.95 0.87
N TYR B 99 -16.53 -16.15 0.22
CA TYR B 99 -15.11 -16.47 0.11
C TYR B 99 -14.47 -16.52 1.48
N VAL B 100 -14.70 -15.49 2.29
CA VAL B 100 -14.13 -15.42 3.63
C VAL B 100 -14.39 -16.71 4.42
N LEU B 101 -15.59 -17.26 4.27
CA LEU B 101 -15.95 -18.51 4.92
C LEU B 101 -15.06 -19.71 4.57
N THR B 102 -14.32 -19.64 3.47
CA THR B 102 -13.37 -20.70 3.09
C THR B 102 -11.99 -20.49 3.70
N LEU B 103 -11.80 -19.40 4.44
CA LEU B 103 -10.47 -19.13 5.03
C LEU B 103 -10.05 -20.13 6.12
N PRO B 104 -10.95 -20.45 7.06
CA PRO B 104 -10.53 -21.36 8.14
C PRO B 104 -9.76 -22.59 7.64
N ALA B 105 -10.29 -23.27 6.63
CA ALA B 105 -9.62 -24.46 6.06
C ALA B 105 -8.23 -24.13 5.52
N LEU B 106 -8.11 -22.96 4.89
CA LEU B 106 -6.85 -22.56 4.30
C LEU B 106 -5.89 -22.20 5.42
N ILE B 107 -6.41 -21.55 6.45
CA ILE B 107 -5.63 -21.29 7.66
C ILE B 107 -5.16 -22.61 8.31
N PHE B 108 -6.06 -23.56 8.46
CA PHE B 108 -5.74 -24.85 9.05
C PHE B 108 -4.66 -25.52 8.22
N TYR B 109 -4.78 -25.45 6.90
CA TYR B 109 -3.83 -26.13 5.98
C TYR B 109 -2.40 -25.60 6.17
N TYR B 110 -2.23 -24.28 6.19
CA TYR B 110 -0.89 -23.74 6.42
C TYR B 110 -0.38 -24.01 7.82
N PHE B 111 -1.26 -23.92 8.84
CA PHE B 111 -0.83 -24.26 10.21
C PHE B 111 -0.33 -25.71 10.27
N ASN B 112 -0.94 -26.56 9.47
CA ASN B 112 -0.63 -27.99 9.45
C ASN B 112 0.50 -28.29 8.45
N LYS B 113 1.44 -27.35 8.33
CA LYS B 113 2.54 -27.47 7.37
C LYS B 113 2.08 -27.79 5.93
N THR B 114 0.92 -27.26 5.53
CA THR B 114 0.39 -27.44 4.15
C THR B 114 0.16 -28.91 3.83
N ASP B 115 -0.42 -29.62 4.81
CA ASP B 115 -0.81 -31.01 4.62
C ASP B 115 -2.32 -30.97 4.64
N TRP B 116 -2.95 -31.29 3.50
CA TRP B 116 -4.40 -31.10 3.35
C TRP B 116 -5.10 -32.38 3.75
N ILE B 117 -6.03 -32.28 4.71
CA ILE B 117 -6.68 -33.47 5.28
C ILE B 117 -8.19 -33.58 5.00
N PHE B 118 -8.76 -32.60 4.30
CA PHE B 118 -10.20 -32.58 4.03
C PHE B 118 -10.56 -33.22 2.70
N GLY B 119 -9.58 -33.85 2.04
CA GLY B 119 -9.85 -34.60 0.81
C GLY B 119 -9.93 -33.79 -0.48
N ASP B 120 -10.20 -34.53 -1.55
CA ASP B 120 -10.13 -34.01 -2.90
C ASP B 120 -11.27 -33.02 -3.18
N ALA B 121 -12.49 -33.43 -2.86
CA ALA B 121 -13.66 -32.64 -3.17
C ALA B 121 -13.59 -31.24 -2.55
N MET B 122 -13.24 -31.17 -1.27
CA MET B 122 -13.15 -29.89 -0.58
C MET B 122 -11.98 -29.05 -1.08
N CYS B 123 -10.92 -29.70 -1.59
CA CYS B 123 -9.81 -28.94 -2.15
C CYS B 123 -10.33 -28.21 -3.38
N LYS B 124 -10.83 -28.97 -4.34
CA LYS B 124 -11.44 -28.39 -5.55
C LYS B 124 -12.41 -27.25 -5.22
N LEU B 125 -13.14 -27.36 -4.11
CA LEU B 125 -14.14 -26.35 -3.75
C LEU B 125 -13.43 -25.07 -3.32
N GLN B 126 -12.44 -25.23 -2.44
CA GLN B 126 -11.59 -24.14 -1.96
C GLN B 126 -11.07 -23.33 -3.16
N ARG B 127 -10.49 -24.00 -4.13
CA ARG B 127 -9.84 -23.28 -5.22
C ARG B 127 -10.88 -22.67 -6.13
N PHE B 128 -11.90 -23.45 -6.46
CA PHE B 128 -13.05 -22.95 -7.22
C PHE B 128 -13.59 -21.66 -6.61
N ILE B 129 -13.88 -21.65 -5.31
CA ILE B 129 -14.48 -20.45 -4.70
C ILE B 129 -13.51 -19.28 -4.73
N PHE B 130 -12.24 -19.53 -4.56
CA PHE B 130 -11.25 -18.48 -4.66
C PHE B 130 -11.24 -17.77 -6.01
N HIS B 131 -11.27 -18.54 -7.09
CA HIS B 131 -11.15 -17.92 -8.41
C HIS B 131 -12.46 -17.31 -8.86
N VAL B 132 -13.57 -17.86 -8.39
CA VAL B 132 -14.88 -17.27 -8.66
C VAL B 132 -14.95 -15.89 -8.03
N ASN B 133 -14.59 -15.81 -6.75
CA ASN B 133 -14.48 -14.53 -6.04
C ASN B 133 -13.54 -13.57 -6.72
N LEU B 134 -12.35 -14.06 -7.07
CA LEU B 134 -11.34 -13.27 -7.78
C LEU B 134 -11.95 -12.63 -9.02
N TYR B 135 -12.50 -13.45 -9.93
CA TYR B 135 -12.92 -12.95 -11.24
C TYR B 135 -14.29 -12.34 -11.23
N GLY B 136 -15.11 -12.75 -10.26
CA GLY B 136 -16.40 -12.10 -10.01
C GLY B 136 -16.15 -10.67 -9.62
N SER B 137 -15.26 -10.48 -8.67
CA SER B 137 -14.91 -9.13 -8.20
C SER B 137 -14.45 -8.25 -9.30
N ILE B 138 -13.57 -8.79 -10.11
CA ILE B 138 -13.01 -8.01 -11.19
C ILE B 138 -14.15 -7.56 -12.11
N LEU B 139 -15.02 -8.49 -12.51
CA LEU B 139 -16.08 -8.12 -13.44
C LEU B 139 -17.02 -7.15 -12.79
N PHE B 140 -17.41 -7.40 -11.55
CA PHE B 140 -18.35 -6.46 -10.90
C PHE B 140 -17.80 -5.04 -10.76
N LEU B 141 -16.50 -4.93 -10.49
CA LEU B 141 -15.85 -3.64 -10.46
C LEU B 141 -15.90 -3.01 -11.85
N THR B 142 -15.81 -3.82 -12.89
CA THR B 142 -15.95 -3.34 -14.28
C THR B 142 -17.34 -2.76 -14.52
N CYS B 143 -18.36 -3.49 -14.13
CA CYS B 143 -19.74 -2.97 -14.25
C CYS B 143 -19.91 -1.70 -13.47
N ILE B 144 -19.37 -1.66 -12.26
CA ILE B 144 -19.51 -0.46 -11.42
C ILE B 144 -18.82 0.70 -12.12
N SER B 145 -17.62 0.47 -12.62
CA SER B 145 -16.91 1.49 -13.40
C SER B 145 -17.70 1.90 -14.63
N ALA B 146 -18.19 0.93 -15.41
CA ALA B 146 -18.97 1.26 -16.62
C ALA B 146 -20.23 2.05 -16.26
N HIS B 147 -20.93 1.59 -15.21
CA HIS B 147 -22.14 2.26 -14.73
C HIS B 147 -21.78 3.71 -14.49
N ARG B 148 -20.80 3.94 -13.62
CA ARG B 148 -20.47 5.28 -13.18
C ARG B 148 -20.04 6.17 -14.35
N TYR B 149 -19.31 5.60 -15.29
CA TYR B 149 -18.90 6.32 -16.47
C TYR B 149 -20.10 6.87 -17.24
N SER B 150 -21.05 6.00 -17.57
CA SER B 150 -22.21 6.42 -18.39
C SER B 150 -22.97 7.52 -17.71
N GLY B 151 -23.13 7.39 -16.40
CA GLY B 151 -23.79 8.40 -15.59
C GLY B 151 -23.04 9.69 -15.53
N VAL B 152 -21.72 9.66 -15.62
CA VAL B 152 -20.91 10.88 -15.56
C VAL B 152 -20.72 11.51 -16.92
N VAL B 153 -20.33 10.73 -17.91
CA VAL B 153 -20.04 11.30 -19.23
C VAL B 153 -21.31 11.54 -20.05
N TYR B 154 -22.37 10.76 -19.84
CA TYR B 154 -23.66 10.92 -20.55
C TYR B 154 -24.84 11.05 -19.58
N PRO B 155 -24.83 12.08 -18.73
CA PRO B 155 -25.77 12.23 -17.61
C PRO B 155 -27.27 12.07 -17.89
N LEU B 156 -27.79 12.79 -18.88
CA LEU B 156 -29.24 12.75 -19.14
C LEU B 156 -29.65 11.69 -20.15
N LYS B 157 -28.67 10.95 -20.70
CA LYS B 157 -28.94 9.98 -21.78
C LYS B 157 -29.05 8.56 -21.26
N SER B 158 -28.37 8.28 -20.16
CA SER B 158 -28.14 6.91 -19.78
C SER B 158 -29.31 6.33 -19.05
N LEU B 159 -30.11 7.20 -18.44
CA LEU B 159 -31.12 6.81 -17.45
C LEU B 159 -31.71 5.41 -17.67
N GLY B 160 -32.30 5.17 -18.85
CA GLY B 160 -32.84 3.85 -19.20
C GLY B 160 -31.82 2.72 -19.05
N ARG B 161 -30.62 2.91 -19.57
CA ARG B 161 -29.57 1.89 -19.52
C ARG B 161 -29.07 1.60 -18.11
N LEU B 162 -29.18 2.57 -17.21
CA LEU B 162 -28.65 2.43 -15.85
C LEU B 162 -29.70 1.95 -14.85
N LYS B 163 -30.88 1.54 -15.32
CA LYS B 163 -31.92 1.16 -14.38
C LYS B 163 -31.62 -0.17 -13.73
N LYS B 164 -32.23 -0.36 -12.58
CA LYS B 164 -32.01 -1.52 -11.72
C LYS B 164 -32.25 -2.86 -12.40
N LYS B 165 -33.24 -2.97 -13.28
CA LYS B 165 -33.50 -4.27 -13.91
C LYS B 165 -32.29 -4.70 -14.70
N ASN B 166 -31.82 -3.81 -15.58
CA ASN B 166 -30.59 -4.07 -16.33
C ASN B 166 -29.42 -4.48 -15.43
N ALA B 167 -29.27 -3.85 -14.26
CA ALA B 167 -28.19 -4.20 -13.33
C ALA B 167 -28.33 -5.63 -12.79
N ILE B 168 -29.56 -6.07 -12.59
CA ILE B 168 -29.82 -7.40 -12.02
C ILE B 168 -29.51 -8.45 -13.04
N CYS B 169 -29.94 -8.20 -14.27
CA CYS B 169 -29.63 -9.08 -15.40
C CYS B 169 -28.17 -9.20 -15.62
N ILE B 170 -27.48 -8.06 -15.63
CA ILE B 170 -26.05 -8.04 -15.86
C ILE B 170 -25.33 -8.82 -14.78
N SER B 171 -25.83 -8.68 -13.56
CA SER B 171 -25.31 -9.40 -12.41
C SER B 171 -25.51 -10.91 -12.51
N VAL B 172 -26.68 -11.34 -12.99
CA VAL B 172 -26.94 -12.78 -13.16
C VAL B 172 -25.97 -13.35 -14.17
N LEU B 173 -25.87 -12.69 -15.33
CA LEU B 173 -24.89 -13.09 -16.34
C LEU B 173 -23.47 -13.16 -15.79
N VAL B 174 -23.03 -12.14 -15.05
CA VAL B 174 -21.66 -12.08 -14.53
C VAL B 174 -21.37 -13.38 -13.77
N TRP B 175 -22.31 -13.79 -12.90
CA TRP B 175 -22.20 -15.08 -12.21
C TRP B 175 -22.20 -16.24 -13.16
N LEU B 176 -23.02 -16.18 -14.20
CA LEU B 176 -23.07 -17.28 -15.14
C LEU B 176 -21.74 -17.38 -15.88
N ILE B 177 -21.20 -16.24 -16.29
CA ILE B 177 -19.96 -16.24 -17.07
C ILE B 177 -18.81 -16.74 -16.22
N VAL B 178 -18.78 -16.34 -14.95
CA VAL B 178 -17.67 -16.70 -14.07
C VAL B 178 -17.70 -18.16 -13.70
N VAL B 179 -18.86 -18.64 -13.29
CA VAL B 179 -19.00 -20.06 -12.91
C VAL B 179 -18.63 -20.96 -14.08
N VAL B 180 -19.20 -20.68 -15.24
CA VAL B 180 -18.82 -21.42 -16.44
C VAL B 180 -17.32 -21.33 -16.72
N ALA B 181 -16.76 -20.14 -16.71
CA ALA B 181 -15.36 -19.94 -17.09
C ALA B 181 -14.37 -20.56 -16.11
N ILE B 182 -14.74 -20.55 -14.83
CA ILE B 182 -13.86 -21.03 -13.75
C ILE B 182 -14.10 -22.52 -13.47
N SER B 183 -15.17 -23.08 -14.02
CA SER B 183 -15.53 -24.49 -13.73
C SER B 183 -14.39 -25.49 -13.97
N PRO B 184 -13.51 -25.26 -14.98
CA PRO B 184 -12.41 -26.24 -15.22
C PRO B 184 -11.44 -26.43 -14.05
N ILE B 185 -11.42 -25.48 -13.14
CA ILE B 185 -10.61 -25.59 -11.94
C ILE B 185 -11.07 -26.77 -11.08
N LEU B 186 -12.36 -27.08 -11.12
CA LEU B 186 -12.84 -28.31 -10.48
C LEU B 186 -12.14 -29.53 -11.05
N PHE B 187 -11.84 -29.52 -12.35
CA PHE B 187 -11.04 -30.60 -12.93
C PHE B 187 -9.58 -30.46 -12.49
N TYR B 188 -8.97 -29.33 -12.85
CA TYR B 188 -7.52 -29.18 -12.77
C TYR B 188 -6.98 -29.26 -11.35
N SER B 189 -7.67 -28.64 -10.41
CA SER B 189 -7.16 -28.62 -9.04
C SER B 189 -7.58 -29.89 -8.34
N GLY B 190 -7.24 -30.00 -7.06
CA GLY B 190 -7.50 -31.20 -6.29
C GLY B 190 -6.28 -31.59 -5.48
N THR B 191 -6.32 -32.83 -4.99
CA THR B 191 -5.38 -33.35 -3.99
C THR B 191 -4.27 -34.13 -4.69
N GLY B 192 -3.09 -34.19 -4.06
CA GLY B 192 -1.95 -34.99 -4.57
C GLY B 192 -0.96 -35.34 -3.47
N VAL B 193 -0.34 -36.52 -3.54
CA VAL B 193 0.58 -36.97 -2.48
C VAL B 193 2.04 -36.60 -2.77
N ARG B 194 2.68 -35.96 -1.79
CA ARG B 194 4.10 -35.61 -1.89
C ARG B 194 4.96 -36.80 -1.53
N LYS B 195 6.23 -36.73 -1.91
CA LYS B 195 7.21 -37.79 -1.62
C LYS B 195 7.29 -38.04 -0.12
N ASN B 196 7.38 -36.95 0.66
CA ASN B 196 7.35 -37.06 2.12
C ASN B 196 6.02 -37.58 2.72
N LYS B 197 5.08 -37.94 1.85
CA LYS B 197 3.80 -38.58 2.23
C LYS B 197 2.71 -37.63 2.74
N THR B 198 2.97 -36.33 2.75
CA THR B 198 1.94 -35.34 3.08
C THR B 198 1.17 -35.01 1.83
N ILE B 199 -0.01 -34.42 2.00
CA ILE B 199 -0.91 -34.15 0.87
C ILE B 199 -0.91 -32.67 0.48
N THR B 200 -0.77 -32.44 -0.83
CA THR B 200 -0.84 -31.11 -1.40
C THR B 200 -2.27 -30.84 -1.86
N CYS B 201 -2.74 -29.61 -1.66
CA CYS B 201 -3.98 -29.15 -2.32
C CYS B 201 -3.49 -28.22 -3.43
N TYR B 202 -3.52 -28.69 -4.67
CA TYR B 202 -3.09 -27.86 -5.80
C TYR B 202 -4.02 -26.66 -5.92
N ASP B 203 -3.41 -25.48 -6.08
CA ASP B 203 -4.14 -24.26 -6.46
C ASP B 203 -4.18 -24.20 -7.98
N THR B 204 -3.21 -24.83 -8.62
CA THR B 204 -3.14 -24.90 -10.07
C THR B 204 -3.47 -26.33 -10.52
N THR B 205 -2.41 -27.11 -10.78
CA THR B 205 -2.58 -28.48 -11.21
C THR B 205 -1.24 -29.18 -11.18
N SER B 206 -1.27 -30.50 -11.29
CA SER B 206 -0.06 -31.31 -11.23
C SER B 206 0.60 -31.37 -12.61
N ASP B 207 1.88 -31.75 -12.62
CA ASP B 207 2.70 -31.70 -13.85
C ASP B 207 2.02 -32.31 -15.06
N GLU B 208 1.35 -33.46 -14.86
CA GLU B 208 0.65 -34.17 -15.92
C GLU B 208 -0.18 -33.23 -16.79
N TYR B 209 -0.85 -32.26 -16.18
CA TYR B 209 -1.77 -31.36 -16.90
C TYR B 209 -1.34 -29.90 -17.00
N LEU B 210 -0.10 -29.60 -16.60
CA LEU B 210 0.38 -28.21 -16.60
C LEU B 210 0.28 -27.47 -17.93
N ARG B 211 0.58 -28.14 -19.05
CA ARG B 211 0.63 -27.47 -20.36
C ARG B 211 -0.69 -26.82 -20.74
N SER B 212 -1.76 -27.59 -20.66
CA SER B 212 -3.07 -27.08 -21.00
C SER B 212 -3.51 -26.08 -19.93
N TYR B 213 -3.17 -26.36 -18.67
CA TYR B 213 -3.52 -25.43 -17.60
C TYR B 213 -2.93 -24.09 -17.91
N PHE B 214 -1.66 -24.05 -18.31
CA PHE B 214 -1.04 -22.78 -18.68
C PHE B 214 -1.91 -22.04 -19.69
N ILE B 215 -2.25 -22.69 -20.79
CA ILE B 215 -3.10 -22.11 -21.83
C ILE B 215 -4.43 -21.58 -21.26
N TYR B 216 -5.05 -22.37 -20.40
CA TYR B 216 -6.31 -21.98 -19.78
C TYR B 216 -6.13 -20.73 -18.90
N SER B 217 -5.13 -20.76 -18.03
CA SER B 217 -4.81 -19.63 -17.14
C SER B 217 -4.48 -18.35 -17.92
N MET B 218 -3.83 -18.49 -19.07
CA MET B 218 -3.60 -17.36 -19.96
C MET B 218 -4.91 -16.77 -20.48
N CYS B 219 -5.86 -17.62 -20.85
CA CYS B 219 -7.14 -17.14 -21.39
C CYS B 219 -7.95 -16.34 -20.37
N THR B 220 -8.02 -16.85 -19.13
CA THR B 220 -8.82 -16.21 -18.10
C THR B 220 -8.14 -14.93 -17.59
N THR B 221 -6.81 -14.94 -17.52
CA THR B 221 -6.05 -13.75 -17.14
C THR B 221 -6.20 -12.66 -18.21
N VAL B 222 -6.24 -13.06 -19.48
CA VAL B 222 -6.40 -12.10 -20.56
C VAL B 222 -7.83 -11.61 -20.56
N ALA B 223 -8.77 -12.55 -20.69
CA ALA B 223 -10.21 -12.22 -20.80
C ALA B 223 -10.82 -11.68 -19.52
N MET B 224 -10.46 -12.25 -18.37
CA MET B 224 -11.12 -11.86 -17.12
C MET B 224 -10.24 -11.05 -16.16
N PHE B 225 -9.06 -10.64 -16.60
CA PHE B 225 -8.26 -9.65 -15.83
C PHE B 225 -7.73 -8.52 -16.72
N CYS B 226 -6.92 -8.85 -17.72
CA CYS B 226 -6.29 -7.83 -18.58
C CYS B 226 -7.30 -6.96 -19.33
N VAL B 227 -8.26 -7.57 -19.99
CA VAL B 227 -9.25 -6.81 -20.72
C VAL B 227 -10.00 -5.86 -19.77
N PRO B 228 -10.64 -6.41 -18.70
CA PRO B 228 -11.24 -5.55 -17.69
C PRO B 228 -10.35 -4.39 -17.24
N LEU B 229 -9.12 -4.68 -16.86
CA LEU B 229 -8.21 -3.61 -16.37
C LEU B 229 -8.09 -2.51 -17.42
N VAL B 230 -8.05 -2.91 -18.69
CA VAL B 230 -8.00 -1.96 -19.80
C VAL B 230 -9.32 -1.18 -19.88
N LEU B 231 -10.44 -1.88 -19.87
CA LEU B 231 -11.77 -1.24 -19.81
C LEU B 231 -11.89 -0.29 -18.64
N ILE B 232 -11.32 -0.67 -17.50
CA ILE B 232 -11.45 0.13 -16.30
C ILE B 232 -10.66 1.43 -16.41
N LEU B 233 -9.39 1.32 -16.81
CA LEU B 233 -8.55 2.51 -17.00
C LEU B 233 -9.14 3.39 -18.10
N GLY B 234 -9.76 2.79 -19.11
CA GLY B 234 -10.48 3.53 -20.14
C GLY B 234 -11.53 4.42 -19.49
N CYS B 235 -12.55 3.79 -18.92
CA CYS B 235 -13.60 4.48 -18.15
C CYS B 235 -13.03 5.55 -17.23
N TYR B 236 -11.98 5.19 -16.49
CA TYR B 236 -11.49 6.07 -15.44
C TYR B 236 -10.88 7.35 -16.00
N GLY B 237 -10.16 7.23 -17.11
CA GLY B 237 -9.58 8.40 -17.76
C GLY B 237 -10.68 9.35 -18.22
N LEU B 238 -11.64 8.79 -18.94
CA LEU B 238 -12.79 9.51 -19.42
C LEU B 238 -13.56 10.17 -18.30
N ILE B 239 -13.69 9.47 -17.18
CA ILE B 239 -14.45 10.00 -16.06
C ILE B 239 -13.71 11.20 -15.50
N VAL B 240 -12.43 11.02 -15.20
CA VAL B 240 -11.57 12.11 -14.70
C VAL B 240 -11.60 13.31 -15.65
N ARG B 241 -11.46 13.05 -16.94
CA ARG B 241 -11.51 14.10 -17.94
C ARG B 241 -12.81 14.91 -17.83
N ALA B 242 -13.94 14.21 -17.83
CA ALA B 242 -15.24 14.87 -17.75
C ALA B 242 -15.35 15.64 -16.44
N LEU B 243 -14.74 15.13 -15.37
CA LEU B 243 -14.85 15.78 -14.05
C LEU B 243 -14.01 17.03 -13.94
N ILE B 244 -12.86 17.03 -14.58
CA ILE B 244 -11.99 18.21 -14.61
C ILE B 244 -12.55 19.29 -15.53
N TYR B 245 -13.23 18.90 -16.61
CA TYR B 245 -13.89 19.89 -17.49
C TYR B 245 -15.10 20.55 -16.81
N LYS B 246 -15.99 19.74 -16.21
CA LYS B 246 -17.19 20.27 -15.60
C LYS B 246 -16.89 21.28 -14.49
N MET B 247 -17.38 22.51 -14.63
CA MET B 247 -17.06 23.56 -13.66
C MET B 247 -17.86 23.34 -12.37
N LYS B 248 -17.20 23.60 -11.25
CA LYS B 248 -17.82 23.42 -9.93
C LYS B 248 -18.78 24.54 -9.61
N LYS B 249 -19.84 24.17 -8.92
CA LYS B 249 -20.70 25.12 -8.27
C LYS B 249 -20.04 25.62 -6.97
N TYR B 250 -20.48 26.78 -6.50
CA TYR B 250 -20.07 27.32 -5.20
C TYR B 250 -21.30 27.88 -4.51
N THR B 251 -21.32 27.80 -3.19
CA THR B 251 -22.50 28.20 -2.40
C THR B 251 -22.17 29.21 -1.28
N CYS B 252 -23.07 30.18 -1.09
CA CYS B 252 -22.95 31.20 -0.04
C CYS B 252 -23.19 30.53 1.30
N THR B 253 -22.16 30.52 2.16
CA THR B 253 -22.28 29.95 3.50
C THR B 253 -23.25 30.73 4.42
N VAL B 254 -23.60 31.95 4.00
CA VAL B 254 -24.46 32.84 4.78
C VAL B 254 -25.95 32.76 4.41
N CYS B 255 -26.28 32.53 3.13
CA CYS B 255 -27.70 32.43 2.73
C CYS B 255 -28.05 31.23 1.83
N GLY B 256 -27.07 30.41 1.47
CA GLY B 256 -27.33 29.17 0.73
C GLY B 256 -27.45 29.31 -0.77
N TYR B 257 -27.32 30.53 -1.29
CA TYR B 257 -27.46 30.78 -2.72
C TYR B 257 -26.36 30.03 -3.47
N ILE B 258 -26.74 29.18 -4.40
CA ILE B 258 -25.78 28.46 -5.23
C ILE B 258 -25.45 29.31 -6.43
N TYR B 259 -24.15 29.40 -6.76
CA TYR B 259 -23.70 29.97 -8.04
C TYR B 259 -23.43 28.81 -8.99
N ASN B 260 -24.06 28.84 -10.15
CA ASN B 260 -23.89 27.82 -11.17
C ASN B 260 -23.14 28.42 -12.36
N PRO B 261 -21.96 27.89 -12.68
CA PRO B 261 -21.19 28.41 -13.81
C PRO B 261 -22.00 28.41 -15.10
N GLU B 262 -22.83 27.41 -15.29
CA GLU B 262 -23.66 27.28 -16.50
C GLU B 262 -24.64 28.47 -16.69
N ASP B 263 -25.18 29.01 -15.60
CA ASP B 263 -26.08 30.19 -15.66
C ASP B 263 -25.32 31.50 -15.52
N GLY B 264 -24.20 31.48 -14.80
CA GLY B 264 -23.47 32.71 -14.52
C GLY B 264 -24.31 33.57 -13.61
N ASP B 265 -24.09 34.88 -13.65
CA ASP B 265 -24.92 35.86 -12.94
C ASP B 265 -25.19 37.05 -13.87
N PRO B 266 -25.80 36.77 -15.04
CA PRO B 266 -25.84 37.72 -16.16
C PRO B 266 -26.26 39.14 -15.75
N ASP B 267 -27.34 39.25 -14.97
CA ASP B 267 -27.83 40.56 -14.51
C ASP B 267 -26.76 41.42 -13.85
N ASN B 268 -25.80 40.80 -13.17
CA ASN B 268 -24.68 41.52 -12.56
C ASN B 268 -23.38 41.27 -13.34
N GLY B 269 -23.50 41.11 -14.66
CA GLY B 269 -22.35 41.10 -15.58
C GLY B 269 -21.59 39.81 -15.81
N VAL B 270 -21.95 38.73 -15.10
CA VAL B 270 -21.16 37.51 -15.12
C VAL B 270 -21.81 36.55 -16.12
N ASN B 271 -21.19 36.38 -17.28
CA ASN B 271 -21.76 35.59 -18.38
C ASN B 271 -21.93 34.13 -18.03
N PRO B 272 -22.96 33.49 -18.61
CA PRO B 272 -23.12 32.06 -18.53
C PRO B 272 -21.84 31.37 -18.98
N GLY B 273 -21.27 30.56 -18.08
CA GLY B 273 -20.05 29.82 -18.37
C GLY B 273 -18.77 30.45 -17.81
N THR B 274 -18.89 31.27 -16.78
CA THR B 274 -17.71 31.82 -16.10
C THR B 274 -17.47 31.00 -14.83
N ASP B 275 -16.21 30.60 -14.65
CA ASP B 275 -15.79 29.87 -13.48
C ASP B 275 -15.77 30.82 -12.26
N PHE B 276 -16.06 30.29 -11.08
CA PHE B 276 -16.14 31.13 -9.87
C PHE B 276 -14.82 31.83 -9.54
N LYS B 277 -13.68 31.19 -9.82
CA LYS B 277 -12.36 31.82 -9.62
C LYS B 277 -12.08 32.99 -10.58
N ASP B 278 -12.78 33.03 -11.72
CA ASP B 278 -12.67 34.13 -12.70
C ASP B 278 -13.54 35.34 -12.40
N ILE B 279 -14.35 35.28 -11.35
CA ILE B 279 -15.22 36.38 -10.95
C ILE B 279 -14.36 37.35 -10.12
N PRO B 280 -14.21 38.62 -10.57
CA PRO B 280 -13.49 39.65 -9.81
C PRO B 280 -13.87 39.69 -8.34
N ASP B 281 -12.92 40.05 -7.49
CA ASP B 281 -13.10 39.98 -6.03
C ASP B 281 -14.28 40.80 -5.51
N ASP B 282 -14.60 41.91 -6.19
CA ASP B 282 -15.61 42.85 -5.67
C ASP B 282 -17.05 42.35 -5.79
N TRP B 283 -17.25 41.25 -6.53
CA TRP B 283 -18.57 40.57 -6.62
C TRP B 283 -19.06 40.16 -5.25
N VAL B 284 -20.37 40.13 -5.11
CA VAL B 284 -21.00 39.70 -3.87
C VAL B 284 -22.14 38.74 -4.15
N CYS B 285 -22.55 38.01 -3.11
CA CYS B 285 -23.74 37.18 -3.16
C CYS B 285 -24.88 38.06 -3.65
N PRO B 286 -25.58 37.64 -4.72
CA PRO B 286 -26.69 38.47 -5.20
C PRO B 286 -27.97 38.38 -4.35
N LEU B 287 -27.97 37.53 -3.32
CA LEU B 287 -29.13 37.37 -2.42
C LEU B 287 -28.99 38.14 -1.10
N CYS B 288 -27.77 38.21 -0.56
CA CYS B 288 -27.54 38.88 0.73
C CYS B 288 -26.34 39.83 0.75
N GLY B 289 -25.53 39.85 -0.30
CA GLY B 289 -24.48 40.87 -0.43
C GLY B 289 -23.11 40.57 0.18
N VAL B 290 -22.93 39.42 0.83
CA VAL B 290 -21.60 39.08 1.39
C VAL B 290 -20.56 38.81 0.30
N GLY B 291 -19.29 38.83 0.67
CA GLY B 291 -18.20 38.73 -0.32
C GLY B 291 -17.94 37.32 -0.81
N LYS B 292 -17.08 37.20 -1.82
CA LYS B 292 -16.66 35.90 -2.37
C LYS B 292 -16.02 34.99 -1.34
N ASP B 293 -15.17 35.55 -0.48
CA ASP B 293 -14.51 34.79 0.58
C ASP B 293 -15.48 33.95 1.42
N GLN B 294 -16.72 34.41 1.52
CA GLN B 294 -17.77 33.73 2.27
C GLN B 294 -18.42 32.55 1.52
N PHE B 295 -17.89 32.23 0.34
CA PHE B 295 -18.39 31.13 -0.48
C PHE B 295 -17.48 29.92 -0.32
N GLU B 296 -18.03 28.75 -0.59
CA GLU B 296 -17.23 27.52 -0.56
C GLU B 296 -17.62 26.58 -1.70
N GLU B 297 -16.66 25.74 -2.09
CA GLU B 297 -16.78 24.84 -3.23
C GLU B 297 -17.81 23.75 -3.01
N VAL B 298 -18.65 23.51 -4.03
CA VAL B 298 -19.55 22.38 -3.95
C VAL B 298 -18.85 21.16 -4.53
N GLU B 299 -18.79 20.10 -3.74
CA GLU B 299 -18.33 18.80 -4.21
C GLU B 299 -19.57 17.96 -4.54
N GLU B 300 -19.87 17.90 -5.83
CA GLU B 300 -21.09 17.27 -6.35
C GLU B 300 -21.06 15.78 -5.99
N PRO B 301 -22.07 15.27 -5.25
CA PRO B 301 -22.04 13.87 -4.82
C PRO B 301 -21.49 12.88 -5.85
N LEU B 302 -21.92 12.96 -7.09
CA LEU B 302 -21.47 12.01 -8.12
C LEU B 302 -19.99 12.15 -8.47
N ARG B 303 -19.46 13.37 -8.43
CA ARG B 303 -18.04 13.54 -8.69
C ARG B 303 -17.27 12.88 -7.57
N ARG B 304 -17.75 13.05 -6.35
CA ARG B 304 -17.01 12.58 -5.18
C ARG B 304 -16.89 11.07 -5.22
N LYS B 305 -18.03 10.40 -5.29
CA LYS B 305 -18.10 8.94 -5.43
C LYS B 305 -17.26 8.39 -6.57
N SER B 306 -17.29 9.03 -7.74
CA SER B 306 -16.42 8.62 -8.85
C SER B 306 -14.91 8.66 -8.51
N ILE B 307 -14.46 9.69 -7.80
CA ILE B 307 -13.02 9.82 -7.46
C ILE B 307 -12.69 8.82 -6.37
N TYR B 308 -13.60 8.61 -5.45
CA TYR B 308 -13.38 7.55 -4.48
C TYR B 308 -13.27 6.23 -5.17
N LEU B 309 -14.13 5.97 -6.15
CA LEU B 309 -14.06 4.73 -6.90
C LEU B 309 -12.67 4.58 -7.51
N VAL B 310 -12.28 5.56 -8.33
CA VAL B 310 -10.98 5.49 -8.99
C VAL B 310 -9.88 5.14 -7.99
N ILE B 311 -9.75 5.94 -6.94
CA ILE B 311 -8.68 5.77 -5.96
C ILE B 311 -8.64 4.39 -5.35
N ILE B 312 -9.79 3.93 -4.88
CA ILE B 312 -9.86 2.63 -4.21
C ILE B 312 -9.57 1.50 -5.20
N VAL B 313 -10.21 1.53 -6.36
CA VAL B 313 -10.08 0.42 -7.29
C VAL B 313 -8.69 0.31 -7.87
N LEU B 314 -8.07 1.43 -8.20
CA LEU B 314 -6.66 1.40 -8.67
C LEU B 314 -5.72 0.89 -7.58
N THR B 315 -5.96 1.29 -6.33
CA THR B 315 -5.18 0.76 -5.21
C THR B 315 -5.32 -0.77 -5.11
N VAL B 316 -6.56 -1.23 -5.05
CA VAL B 316 -6.82 -2.68 -5.02
C VAL B 316 -6.13 -3.45 -6.14
N PHE B 317 -6.17 -2.93 -7.35
CA PHE B 317 -5.55 -3.62 -8.49
C PHE B 317 -4.04 -3.68 -8.31
N ALA B 318 -3.45 -2.57 -7.88
CA ALA B 318 -2.00 -2.52 -7.68
C ALA B 318 -1.47 -3.43 -6.56
N VAL B 319 -2.25 -3.62 -5.50
CA VAL B 319 -1.78 -4.38 -4.33
C VAL B 319 -2.20 -5.85 -4.42
N SER B 320 -3.40 -6.09 -4.91
CA SER B 320 -3.98 -7.43 -4.84
C SER B 320 -4.13 -8.19 -6.17
N TYR B 321 -4.52 -7.52 -7.25
CA TYR B 321 -4.79 -8.25 -8.51
C TYR B 321 -3.61 -8.32 -9.45
N ILE B 322 -2.91 -7.21 -9.64
CA ILE B 322 -1.78 -7.18 -10.58
C ILE B 322 -0.63 -8.08 -10.09
N PRO B 323 -0.06 -7.79 -8.89
CA PRO B 323 1.05 -8.62 -8.44
C PRO B 323 0.73 -10.11 -8.48
N PHE B 324 -0.50 -10.49 -8.14
CA PHE B 324 -0.88 -11.89 -8.16
C PHE B 324 -0.82 -12.45 -9.56
N HIS B 325 -1.36 -11.72 -10.53
CA HIS B 325 -1.41 -12.23 -11.91
C HIS B 325 -0.03 -12.27 -12.56
N VAL B 326 0.82 -11.29 -12.26
CA VAL B 326 2.20 -11.36 -12.72
C VAL B 326 2.78 -12.66 -12.21
N MET B 327 2.76 -12.83 -10.89
CA MET B 327 3.51 -13.90 -10.24
C MET B 327 2.94 -15.30 -10.45
N LYS B 328 1.63 -15.42 -10.60
CA LYS B 328 1.02 -16.71 -10.99
C LYS B 328 1.64 -17.20 -12.29
N THR B 329 1.73 -16.31 -13.28
CA THR B 329 2.25 -16.63 -14.61
C THR B 329 3.73 -16.98 -14.57
N MET B 330 4.55 -16.11 -13.98
CA MET B 330 5.96 -16.40 -13.83
C MET B 330 6.21 -17.74 -13.17
N ASN B 331 5.42 -18.04 -12.15
CA ASN B 331 5.63 -19.27 -11.40
C ASN B 331 5.24 -20.52 -12.18
N LEU B 332 4.23 -20.43 -13.03
CA LEU B 332 3.92 -21.49 -13.98
C LEU B 332 5.05 -21.66 -14.99
N ARG B 333 5.43 -20.55 -15.63
CA ARG B 333 6.57 -20.56 -16.55
C ARG B 333 7.76 -21.27 -15.92
N ALA B 334 8.27 -20.77 -14.80
CA ALA B 334 9.36 -21.44 -14.09
C ALA B 334 9.17 -22.96 -14.09
N ARG B 335 8.00 -23.42 -13.63
CA ARG B 335 7.69 -24.86 -13.57
C ARG B 335 7.80 -25.59 -14.89
N LEU B 336 7.65 -24.86 -16.01
CA LEU B 336 7.61 -25.46 -17.33
C LEU B 336 8.91 -25.23 -18.09
N ASP B 337 9.19 -23.97 -18.39
CA ASP B 337 10.23 -23.61 -19.36
C ASP B 337 11.59 -23.25 -18.75
N PHE B 338 11.64 -22.92 -17.47
CA PHE B 338 12.90 -22.52 -16.83
C PHE B 338 13.42 -23.61 -15.89
N GLN B 339 13.30 -24.86 -16.32
CA GLN B 339 13.63 -26.00 -15.46
C GLN B 339 15.02 -26.59 -15.76
N THR B 340 16.06 -25.79 -15.47
CA THR B 340 17.47 -26.19 -15.63
C THR B 340 18.28 -25.82 -14.36
N PRO B 341 19.41 -26.52 -14.09
CA PRO B 341 20.14 -26.23 -12.85
C PRO B 341 20.53 -24.76 -12.62
N ALA B 342 20.81 -24.03 -13.69
CA ALA B 342 21.23 -22.62 -13.56
C ALA B 342 20.13 -21.74 -12.93
N MET B 343 18.87 -22.05 -13.23
CA MET B 343 17.75 -21.23 -12.80
C MET B 343 17.26 -21.50 -11.36
N CYS B 344 17.38 -22.75 -10.89
CA CYS B 344 16.74 -23.19 -9.65
C CYS B 344 16.71 -22.16 -8.49
N ALA B 345 17.83 -21.48 -8.28
CA ALA B 345 17.89 -20.45 -7.23
C ALA B 345 16.84 -19.38 -7.50
N PHE B 346 16.84 -18.87 -8.73
CA PHE B 346 15.88 -17.81 -9.12
C PHE B 346 14.46 -18.33 -8.96
N ASN B 347 14.28 -19.58 -9.37
CA ASN B 347 12.98 -20.22 -9.27
C ASN B 347 12.41 -20.26 -7.85
N ASP B 348 13.21 -20.59 -6.84
CA ASP B 348 12.78 -20.53 -5.41
C ASP B 348 12.30 -19.16 -4.97
N ARG B 349 13.00 -18.15 -5.46
CA ARG B 349 12.60 -16.76 -5.18
C ARG B 349 11.26 -16.43 -5.85
N VAL B 350 11.05 -16.90 -7.08
CA VAL B 350 9.76 -16.72 -7.76
C VAL B 350 8.67 -17.36 -6.91
N TYR B 351 8.82 -18.66 -6.65
CA TYR B 351 7.89 -19.37 -5.81
C TYR B 351 7.65 -18.62 -4.50
N ALA B 352 8.73 -18.12 -3.90
CA ALA B 352 8.58 -17.39 -2.64
C ALA B 352 7.73 -16.12 -2.80
N THR B 353 7.95 -15.35 -3.86
CA THR B 353 7.21 -14.13 -4.07
C THR B 353 5.74 -14.48 -4.39
N TYR B 354 5.55 -15.43 -5.30
CA TYR B 354 4.23 -15.98 -5.59
C TYR B 354 3.41 -16.20 -4.30
N GLN B 355 4.05 -16.72 -3.26
CA GLN B 355 3.33 -17.01 -2.01
C GLN B 355 2.79 -15.75 -1.36
N VAL B 356 3.58 -14.67 -1.33
CA VAL B 356 3.08 -13.39 -0.74
C VAL B 356 1.98 -12.80 -1.62
N THR B 357 2.14 -12.83 -2.95
CA THR B 357 1.15 -12.24 -3.86
C THR B 357 -0.16 -13.00 -3.88
N ARG B 358 -0.07 -14.29 -3.59
CA ARG B 358 -1.27 -15.09 -3.40
C ARG B 358 -1.96 -14.71 -2.12
N GLY B 359 -1.17 -14.38 -1.10
CA GLY B 359 -1.70 -13.87 0.16
C GLY B 359 -2.28 -12.48 -0.01
N LEU B 360 -1.60 -11.63 -0.75
CA LEU B 360 -2.11 -10.28 -1.05
C LEU B 360 -3.44 -10.26 -1.83
N ALA B 361 -3.70 -11.31 -2.61
CA ALA B 361 -4.96 -11.43 -3.34
C ALA B 361 -6.18 -11.43 -2.44
N SER B 362 -6.03 -11.90 -1.20
CA SER B 362 -7.14 -12.01 -0.27
C SER B 362 -7.52 -10.70 0.42
N LEU B 363 -6.73 -9.65 0.23
CA LEU B 363 -6.99 -8.38 0.93
C LEU B 363 -8.16 -7.61 0.37
N ASN B 364 -8.57 -7.90 -0.86
CA ASN B 364 -9.82 -7.36 -1.40
C ASN B 364 -10.96 -7.47 -0.45
N SER B 365 -11.06 -8.64 0.16
CA SER B 365 -12.26 -9.00 0.89
C SER B 365 -12.44 -8.22 2.16
N CYS B 366 -11.40 -7.49 2.60
CA CYS B 366 -11.55 -6.57 3.74
C CYS B 366 -11.23 -5.11 3.39
N VAL B 367 -10.98 -4.83 2.11
CA VAL B 367 -10.81 -3.46 1.62
C VAL B 367 -11.99 -3.03 0.73
N ASN B 368 -12.66 -3.98 0.08
CA ASN B 368 -13.83 -3.63 -0.71
C ASN B 368 -14.93 -2.94 0.08
N PRO B 369 -15.23 -3.39 1.30
CA PRO B 369 -16.18 -2.67 2.16
C PRO B 369 -16.08 -1.13 2.15
N ILE B 370 -14.89 -0.58 1.93
CA ILE B 370 -14.72 0.87 1.84
C ILE B 370 -15.47 1.45 0.66
N LEU B 371 -15.49 0.71 -0.46
CA LEU B 371 -16.26 1.13 -1.63
C LEU B 371 -17.71 1.29 -1.28
N TYR B 372 -18.27 0.31 -0.60
CA TYR B 372 -19.71 0.29 -0.39
C TYR B 372 -20.15 1.55 0.37
N PHE B 373 -19.29 2.05 1.26
CA PHE B 373 -19.63 3.17 2.12
C PHE B 373 -19.20 4.53 1.55
N LEU B 374 -18.12 4.57 0.76
CA LEU B 374 -17.66 5.82 0.08
C LEU B 374 -18.03 6.02 -1.39
N ALA B 375 -18.06 4.96 -2.19
CA ALA B 375 -18.27 5.07 -3.65
C ALA B 375 -19.66 4.65 -4.07
N GLY B 376 -20.39 4.03 -3.15
CA GLY B 376 -21.73 3.53 -3.44
C GLY B 376 -22.74 4.61 -3.21
N ASP B 377 -23.99 4.32 -3.54
CA ASP B 377 -25.09 5.21 -3.23
C ASP B 377 -25.14 5.39 -1.72
N THR B 378 -25.68 6.51 -1.27
CA THR B 378 -25.72 6.83 0.16
C THR B 378 -26.86 6.09 0.86
N PHE B 379 -26.62 5.67 2.11
CA PHE B 379 -27.57 4.86 2.86
C PHE B 379 -28.54 5.78 3.61
N ARG B 380 -29.57 5.18 4.22
CA ARG B 380 -30.52 5.91 5.08
C ARG B 380 -31.13 7.15 4.40
N ARG B 381 -31.57 6.99 3.16
CA ARG B 381 -32.15 8.10 2.39
C ARG B 381 -33.66 8.22 2.63
N ARG B 382 -34.21 9.43 2.43
CA ARG B 382 -35.65 9.67 2.57
C ARG B 382 -36.46 8.99 1.45
N LEU B 383 -37.58 8.37 1.84
CA LEU B 383 -38.43 7.62 0.91
C LEU B 383 -39.89 7.73 1.32
N SER B 384 -40.63 8.62 0.68
CA SER B 384 -42.08 8.69 0.92
C SER B 384 -42.83 7.71 0.03
N ARG B 385 -43.90 7.15 0.57
CA ARG B 385 -44.67 6.10 -0.12
C ARG B 385 -46.08 5.98 0.45
N ALA B 386 -47.07 5.92 -0.44
CA ALA B 386 -48.49 5.80 -0.05
C ALA B 386 -48.98 4.36 -0.20
OAF 2ID C . -8.11 25.56 9.01
PBC 2ID C . -6.73 24.81 9.32
OAG 2ID C . -6.07 24.60 7.87
OAC 2ID C . -7.02 23.53 10.02
OAR 2ID C . -5.77 25.84 10.16
CAW 2ID C . -4.48 26.26 9.68
CAK 2ID C . -4.65 27.54 8.93
CBA 2ID C . -3.49 26.57 10.88
CAJ 2ID C . -2.33 25.66 11.15
OAQ 2ID C . -2.56 24.33 10.68
PBB 2ID C . -1.33 23.30 10.80
OAD 2ID C . -0.70 23.53 12.24
OAE 2ID C . -0.19 23.84 9.76
OAB 2ID C . -1.77 21.91 10.51
CAL 2ID C . -3.73 27.73 11.77
CAY 2ID C . -2.89 27.88 10.55
CAX 2ID C . -3.41 28.39 9.24
N9 2ID C . -2.35 28.21 8.22
C8 2ID C . -1.58 27.16 8.01
N7 2ID C . -0.78 27.42 6.97
C5 2ID C . -1.08 28.63 6.53
C4 2ID C . -2.04 29.12 7.31
N3 2ID C . -2.52 30.35 7.07
C2 2ID C . -2.02 31.08 6.06
I2 2ID C . -2.77 33.00 5.68
N1 2ID C . -1.04 30.59 5.29
C6 2ID C . -0.58 29.37 5.54
N6 2ID C . 0.37 28.82 4.81
CAA 2ID C . 0.61 29.39 3.47
ZN ZN D . 33.88 -30.99 -7.06
OAF 2ID E . 3.99 -25.37 -2.48
PBC 2ID E . 3.67 -26.95 -2.31
OAG 2ID E . 2.10 -27.04 -1.84
OAC 2ID E . 4.58 -27.63 -1.35
OAR 2ID E . 3.71 -27.68 -3.70
CAW 2ID E . 4.01 -27.01 -4.90
CAK 2ID E . 5.30 -27.57 -5.51
CBA 2ID E . 2.95 -27.42 -5.82
CAJ 2ID E . 1.60 -26.79 -5.57
OAQ 2ID E . 1.58 -25.61 -6.40
PBB 2ID E . 0.28 -24.62 -6.54
OAD 2ID E . 0.83 -23.33 -7.40
OAE 2ID E . -0.39 -24.22 -5.26
OAB 2ID E . -0.65 -25.50 -7.47
CAL 2ID E . 2.98 -28.84 -6.04
CAY 2ID E . 3.53 -27.96 -7.13
CAX 2ID E . 5.04 -27.55 -7.01
N9 2ID E . 5.44 -26.18 -7.43
C8 2ID E . 4.75 -25.04 -7.34
N7 2ID E . 5.51 -24.05 -7.79
C5 2ID E . 6.69 -24.56 -8.15
C4 2ID E . 6.65 -25.87 -7.92
N3 2ID E . 7.74 -26.63 -8.21
C2 2ID E . 8.85 -26.05 -8.71
I2 2ID E . 10.61 -27.11 -9.21
N1 2ID E . 8.88 -24.74 -8.95
C6 2ID E . 7.81 -24.00 -8.66
N6 2ID E . 7.84 -22.70 -8.90
CAA 2ID E . 9.14 -22.09 -9.24
ZN ZN F . -26.02 34.95 0.49
#